data_6AL8
#
_entry.id   6AL8
#
_cell.length_a   61.990
_cell.length_b   47.951
_cell.length_c   174.765
_cell.angle_alpha   90.000
_cell.angle_beta   97.050
_cell.angle_gamma   90.000
#
_symmetry.space_group_name_H-M   'P 1 21 1'
#
loop_
_entity.id
_entity.type
_entity.pdbx_description
1 polymer '12-epi-hapalindole C/U synthase'
2 non-polymer 'CALCIUM ION'
3 non-polymer 1,2-ETHANEDIOL
4 non-polymer 'DIMETHYL SULFOXIDE'
5 non-polymer 2-AMINO-2-HYDROXYMETHYL-PROPANE-1,3-DIOL
6 water water
#
_entity_poly.entity_id   1
_entity_poly.type   'polypeptide(L)'
_entity_poly.pdbx_seq_one_letter_code
;MGSSHHHHHHSSGLVPRGSHMASTSVVSIPINNAGFEDPFIEVVDDYTVDTPPGWTTYNPNNLVPEKRTTWTSNNGVGYV
GPGTQFYNQLAPEGRNIGFIYLAQKPGSGVAGFEQILDATLEPDTKYTLKVDVGNSGGEFQKISLAGFPGYRVELLAGDT
VLAADHNNLYIKDGEFKTSTVTFTATPDNPYLDQKLGIRLINLLQGTFSGLDFDNVRLTVEPAQT
;
_entity_poly.pdbx_strand_id   A,B,D,E
#
loop_
_chem_comp.id
_chem_comp.type
_chem_comp.name
_chem_comp.formula
CA non-polymer 'CALCIUM ION' 'Ca 2'
DMS non-polymer 'DIMETHYL SULFOXIDE' 'C2 H6 O S'
EDO non-polymer 1,2-ETHANEDIOL 'C2 H6 O2'
TRS non-polymer 2-AMINO-2-HYDROXYMETHYL-PROPANE-1,3-DIOL 'C4 H12 N O3 1'
#
# COMPACT_ATOMS: atom_id res chain seq x y z
N VAL A 27 -6.05 28.88 33.06
CA VAL A 27 -6.26 27.68 33.87
C VAL A 27 -5.62 26.44 33.23
N SER A 28 -4.64 25.89 33.93
CA SER A 28 -3.81 24.82 33.43
C SER A 28 -4.41 23.46 33.71
N ILE A 29 -4.18 22.54 32.80
CA ILE A 29 -4.39 21.11 33.02
C ILE A 29 -3.05 20.50 33.36
N PRO A 30 -2.88 19.87 34.50
CA PRO A 30 -1.54 19.43 34.90
C PRO A 30 -1.03 18.30 34.02
N ILE A 31 0.27 18.34 33.78
CA ILE A 31 0.99 17.39 32.94
C ILE A 31 2.19 16.92 33.75
N ASN A 32 2.45 15.61 33.77
CA ASN A 32 3.61 15.13 34.52
C ASN A 32 4.90 15.40 33.76
N ASN A 33 5.94 15.83 34.48
CA ASN A 33 7.26 16.11 33.90
C ASN A 33 7.15 16.98 32.65
N ALA A 34 6.37 18.05 32.74
CA ALA A 34 6.01 18.83 31.55
C ALA A 34 7.20 19.55 30.91
N GLY A 35 8.26 19.82 31.68
CA GLY A 35 9.46 20.44 31.16
C GLY A 35 10.67 19.51 31.14
N PHE A 36 10.43 18.21 31.30
CA PHE A 36 11.47 17.19 31.26
C PHE A 36 12.56 17.44 32.28
N GLU A 37 12.21 18.10 33.38
CA GLU A 37 13.20 18.41 34.41
C GLU A 37 13.56 17.20 35.26
N ASP A 38 12.82 16.09 35.13
CA ASP A 38 13.10 14.83 35.79
C ASP A 38 13.65 13.86 34.76
N PRO A 39 14.84 13.28 34.91
CA PRO A 39 15.74 13.46 36.07
C PRO A 39 16.68 14.64 35.99
N PHE A 40 17.23 15.03 37.16
CA PHE A 40 18.30 16.02 37.21
C PHE A 40 19.54 15.49 36.49
N ILE A 41 20.17 16.35 35.70
CA ILE A 41 21.40 16.04 34.99
C ILE A 41 22.44 17.07 35.39
N GLU A 42 23.61 16.59 35.85
CA GLU A 42 24.57 17.50 36.46
C GLU A 42 25.47 18.20 35.43
N VAL A 43 25.94 17.47 34.43
CA VAL A 43 26.95 17.97 33.50
C VAL A 43 26.23 18.54 32.28
N VAL A 44 26.66 19.72 31.81
CA VAL A 44 26.02 20.31 30.64
C VAL A 44 26.22 19.40 29.43
N ASP A 45 25.15 19.26 28.65
CA ASP A 45 25.07 18.45 27.44
C ASP A 45 25.05 16.96 27.72
N ASP A 46 25.10 16.54 28.99
CA ASP A 46 24.85 15.13 29.28
C ASP A 46 23.36 14.83 29.13
N TYR A 47 23.05 13.54 29.01
CA TYR A 47 21.72 13.14 28.57
C TYR A 47 21.43 11.72 29.04
N THR A 48 20.15 11.38 29.07
CA THR A 48 19.70 9.99 29.25
C THR A 48 19.27 9.44 27.90
N VAL A 49 19.13 8.12 27.82
CA VAL A 49 18.66 7.47 26.60
C VAL A 49 17.44 6.60 26.87
N ASP A 50 16.74 6.83 27.98
CA ASP A 50 15.52 6.11 28.30
C ASP A 50 14.35 7.09 28.36
N THR A 51 13.15 6.54 28.15
CA THR A 51 11.91 7.33 28.15
C THR A 51 11.83 8.22 29.38
N PRO A 52 11.58 9.52 29.21
CA PRO A 52 11.49 10.40 30.37
C PRO A 52 10.38 9.97 31.30
N PRO A 53 10.60 10.06 32.61
CA PRO A 53 9.53 9.77 33.57
C PRO A 53 8.27 10.57 33.27
N GLY A 54 7.12 9.93 33.47
CA GLY A 54 5.82 10.53 33.21
C GLY A 54 5.37 10.46 31.76
N TRP A 55 6.26 10.10 30.83
CA TRP A 55 5.95 10.00 29.42
C TRP A 55 6.12 8.56 28.96
N THR A 56 5.54 8.26 27.80
CA THR A 56 5.81 7.00 27.12
C THR A 56 6.39 7.28 25.74
N THR A 57 7.03 6.27 25.18
CA THR A 57 7.61 6.40 23.86
C THR A 57 6.53 6.09 22.83
N TYR A 58 6.19 7.07 22.02
CA TYR A 58 5.26 6.88 20.91
C TYR A 58 6.02 6.19 19.79
N ASN A 59 5.61 4.98 19.43
CA ASN A 59 6.48 4.14 18.61
C ASN A 59 5.69 3.38 17.55
N PRO A 60 4.90 4.06 16.72
CA PRO A 60 3.98 3.34 15.84
C PRO A 60 4.66 2.54 14.75
N ASN A 61 5.93 2.83 14.45
CA ASN A 61 6.65 2.14 13.39
C ASN A 61 7.81 1.31 13.94
N ASN A 62 7.82 1.09 15.25
CA ASN A 62 8.82 0.26 15.93
C ASN A 62 10.24 0.68 15.61
N LEU A 63 10.45 1.98 15.39
CA LEU A 63 11.78 2.48 15.09
C LEU A 63 12.67 2.51 16.32
N VAL A 64 12.10 2.63 17.51
CA VAL A 64 12.87 2.83 18.74
C VAL A 64 12.93 1.51 19.51
N PRO A 65 14.11 1.01 19.85
CA PRO A 65 14.20 -0.25 20.61
C PRO A 65 13.89 -0.06 22.09
N GLU A 66 13.52 -1.19 22.72
CA GLU A 66 13.28 -1.16 24.16
C GLU A 66 14.55 -0.85 24.93
N LYS A 67 15.67 -1.39 24.49
CA LYS A 67 16.96 -1.14 25.12
C LYS A 67 17.76 -0.23 24.21
N ARG A 68 18.19 0.92 24.72
CA ARG A 68 18.83 1.93 23.91
C ARG A 68 20.32 2.05 24.21
N THR A 69 21.04 2.63 23.25
CA THR A 69 22.37 3.19 23.42
C THR A 69 22.35 4.64 22.98
N THR A 70 23.49 5.30 23.20
CA THR A 70 23.72 6.62 22.62
C THR A 70 23.33 6.67 21.15
N TRP A 71 23.58 5.59 20.40
CA TRP A 71 23.44 5.65 18.96
C TRP A 71 22.29 4.85 18.39
N THR A 72 21.53 4.10 19.19
CA THR A 72 20.27 3.62 18.63
C THR A 72 19.28 4.77 18.47
N SER A 73 18.23 4.53 17.71
CA SER A 73 17.08 5.41 17.86
C SER A 73 16.72 5.45 19.34
N ASN A 74 16.44 6.64 19.86
CA ASN A 74 16.24 6.75 21.30
C ASN A 74 15.50 8.05 21.62
N ASN A 75 15.20 8.21 22.90
CA ASN A 75 14.71 9.48 23.44
C ASN A 75 15.14 9.56 24.90
N GLY A 76 14.93 10.71 25.51
CA GLY A 76 15.44 10.94 26.84
C GLY A 76 15.44 12.43 27.14
N VAL A 77 16.18 12.80 28.18
CA VAL A 77 16.27 14.21 28.56
C VAL A 77 17.73 14.62 28.50
N GLY A 78 17.95 15.92 28.24
CA GLY A 78 19.29 16.45 28.21
C GLY A 78 19.37 17.84 28.83
N TYR A 79 20.50 18.14 29.48
CA TYR A 79 20.69 19.39 30.21
C TYR A 79 21.31 20.42 29.26
N VAL A 80 20.62 21.55 29.05
CA VAL A 80 21.12 22.64 28.22
C VAL A 80 21.46 23.78 29.18
N GLY A 81 22.75 24.02 29.40
CA GLY A 81 23.17 25.09 30.27
C GLY A 81 24.29 25.89 29.64
N PRO A 82 24.85 26.84 30.40
CA PRO A 82 26.04 27.53 29.91
C PRO A 82 27.11 26.53 29.50
N GLY A 83 27.75 26.80 28.37
CA GLY A 83 28.70 25.87 27.80
C GLY A 83 28.11 24.88 26.83
N THR A 84 26.79 24.89 26.62
CA THR A 84 26.24 23.94 25.66
C THR A 84 26.84 24.15 24.27
N GLN A 85 27.05 23.04 23.58
CA GLN A 85 27.59 23.04 22.24
C GLN A 85 26.51 22.96 21.18
N PHE A 86 25.23 22.88 21.58
CA PHE A 86 24.15 22.55 20.66
C PHE A 86 23.12 23.64 20.45
N TYR A 87 23.07 24.66 21.31
CA TYR A 87 22.03 25.67 21.22
C TYR A 87 22.62 27.06 21.41
N ASN A 88 21.94 28.04 20.83
CA ASN A 88 22.30 29.44 20.97
C ASN A 88 21.58 30.11 22.12
N GLN A 89 20.89 29.35 22.96
CA GLN A 89 20.21 29.88 24.13
C GLN A 89 20.08 28.76 25.14
N LEU A 90 19.76 29.12 26.38
CA LEU A 90 19.45 28.14 27.41
C LEU A 90 18.16 27.40 27.05
N ALA A 91 17.88 26.34 27.81
CA ALA A 91 16.61 25.63 27.62
C ALA A 91 15.46 26.61 27.82
N PRO A 92 14.38 26.48 27.05
CA PRO A 92 13.23 27.37 27.21
C PRO A 92 12.73 27.41 28.64
N GLU A 93 12.80 26.29 29.36
CA GLU A 93 12.30 26.19 30.73
C GLU A 93 13.24 25.32 31.54
N GLY A 94 13.61 25.77 32.74
CA GLY A 94 14.47 25.00 33.63
C GLY A 94 15.79 24.63 32.99
N ARG A 95 16.30 23.44 33.36
CA ARG A 95 17.60 22.99 32.89
C ARG A 95 17.53 22.12 31.64
N ASN A 96 16.46 21.34 31.50
CA ASN A 96 16.44 20.20 30.60
C ASN A 96 15.48 20.41 29.43
N ILE A 97 15.78 19.69 28.37
CA ILE A 97 14.85 19.49 27.27
C ILE A 97 14.67 17.99 27.06
N GLY A 98 13.63 17.62 26.34
CA GLY A 98 13.42 16.23 25.95
C GLY A 98 13.75 16.05 24.48
N PHE A 99 14.57 15.04 24.18
CA PHE A 99 14.96 14.84 22.80
C PHE A 99 14.48 13.51 22.24
N ILE A 100 14.44 13.43 20.91
CA ILE A 100 14.14 12.22 20.17
C ILE A 100 15.09 12.15 19.00
N TYR A 101 15.87 11.06 18.92
CA TYR A 101 16.80 10.82 17.81
C TYR A 101 16.40 9.54 17.09
N LEU A 102 16.36 9.59 15.75
CA LEU A 102 16.00 8.43 14.95
C LEU A 102 17.12 8.12 13.98
N ALA A 103 17.67 6.91 14.07
CA ALA A 103 18.82 6.54 13.25
C ALA A 103 18.44 5.98 11.89
N GLN A 104 17.20 5.55 11.70
CA GLN A 104 16.75 5.06 10.40
C GLN A 104 16.70 6.19 9.36
N LYS A 105 16.74 5.79 8.10
CA LYS A 105 16.79 6.77 7.00
C LYS A 105 15.46 7.53 6.92
N PRO A 106 15.49 8.76 6.40
CA PRO A 106 14.25 9.52 6.24
C PRO A 106 13.21 8.71 5.45
N GLY A 107 11.95 8.82 5.87
CA GLY A 107 10.86 8.07 5.28
C GLY A 107 10.50 6.81 6.02
N SER A 108 11.30 6.38 6.99
CA SER A 108 11.09 5.10 7.67
C SER A 108 9.96 5.12 8.67
N GLY A 109 9.43 6.28 9.04
CA GLY A 109 8.36 6.32 10.01
C GLY A 109 8.55 7.47 10.96
N VAL A 110 7.85 7.41 12.10
CA VAL A 110 7.93 8.45 13.12
C VAL A 110 8.02 7.81 14.50
N ALA A 111 8.41 8.63 15.47
CA ALA A 111 8.43 8.25 16.88
C ALA A 111 8.49 9.51 17.72
N GLY A 112 8.18 9.37 19.00
CA GLY A 112 8.33 10.50 19.90
C GLY A 112 7.91 10.25 21.33
N PHE A 113 7.27 11.26 21.92
CA PHE A 113 6.77 11.24 23.29
C PHE A 113 5.25 11.24 23.26
N GLU A 114 4.65 10.59 24.26
CA GLU A 114 3.21 10.58 24.42
C GLU A 114 2.88 10.61 25.90
N GLN A 115 1.84 11.36 26.26
CA GLN A 115 1.37 11.33 27.64
C GLN A 115 -0.14 11.43 27.62
N ILE A 116 -0.79 10.46 28.26
CA ILE A 116 -2.23 10.44 28.44
C ILE A 116 -2.53 11.07 29.79
N LEU A 117 -3.47 12.02 29.81
CA LEU A 117 -3.77 12.81 30.99
C LEU A 117 -5.02 12.29 31.68
N ASP A 118 -5.22 12.71 32.94
CA ASP A 118 -6.44 12.31 33.63
C ASP A 118 -7.64 13.13 33.17
N ALA A 119 -7.41 14.36 32.70
CA ALA A 119 -8.50 15.20 32.22
C ALA A 119 -9.13 14.60 30.97
N THR A 120 -10.44 14.81 30.83
CA THR A 120 -11.20 14.26 29.72
C THR A 120 -11.79 15.39 28.88
N LEU A 121 -12.04 15.07 27.61
CA LEU A 121 -12.56 16.05 26.67
C LEU A 121 -13.98 16.46 27.04
N GLU A 122 -14.18 17.76 27.23
CA GLU A 122 -15.49 18.29 27.62
C GLU A 122 -16.02 19.25 26.55
N PRO A 123 -17.33 19.32 26.36
CA PRO A 123 -17.89 20.19 25.33
C PRO A 123 -17.91 21.64 25.76
N ASP A 124 -18.02 22.53 24.76
CA ASP A 124 -18.06 23.98 24.95
C ASP A 124 -16.84 24.49 25.71
N THR A 125 -15.71 23.86 25.43
CA THR A 125 -14.46 24.13 26.09
C THR A 125 -13.37 24.24 25.04
N LYS A 126 -12.50 25.23 25.20
CA LYS A 126 -11.42 25.50 24.27
C LYS A 126 -10.11 25.12 24.93
N TYR A 127 -9.35 24.27 24.27
CA TYR A 127 -8.07 23.77 24.76
C TYR A 127 -6.94 24.44 23.99
N THR A 128 -5.86 24.82 24.70
CA THR A 128 -4.71 25.45 24.08
C THR A 128 -3.45 24.70 24.52
N LEU A 129 -2.83 23.99 23.59
CA LEU A 129 -1.59 23.25 23.82
C LEU A 129 -0.40 24.06 23.29
N LYS A 130 0.61 24.28 24.13
CA LYS A 130 1.81 24.96 23.68
C LYS A 130 3.02 24.12 24.04
N VAL A 131 3.98 24.02 23.12
CA VAL A 131 5.23 23.32 23.41
C VAL A 131 6.34 24.02 22.65
N ASP A 132 7.54 24.09 23.25
CA ASP A 132 8.66 24.64 22.51
C ASP A 132 9.37 23.52 21.75
N VAL A 133 9.72 23.81 20.51
CA VAL A 133 10.35 22.83 19.63
C VAL A 133 11.74 23.31 19.28
N GLY A 134 12.71 22.41 19.43
CA GLY A 134 14.12 22.78 19.36
C GLY A 134 14.83 22.06 18.22
N ASN A 135 15.64 22.79 17.49
CA ASN A 135 16.47 22.26 16.42
C ASN A 135 17.92 22.35 16.88
N SER A 136 18.47 21.23 17.32
CA SER A 136 19.81 21.25 17.90
C SER A 136 20.86 21.47 16.80
N GLY A 137 21.90 22.24 17.11
CA GLY A 137 22.93 22.55 16.15
C GLY A 137 24.27 22.01 16.64
N GLY A 138 25.31 22.30 15.86
CA GLY A 138 26.63 21.90 16.34
C GLY A 138 27.03 20.49 15.91
N GLU A 139 27.87 19.83 16.70
CA GLU A 139 28.29 18.48 16.36
C GLU A 139 28.41 17.62 17.60
N PHE A 140 28.26 16.31 17.40
CA PHE A 140 28.31 15.32 18.47
C PHE A 140 29.18 14.17 17.99
N GLN A 141 30.27 13.91 18.71
CA GLN A 141 31.22 12.86 18.31
C GLN A 141 31.58 13.03 16.84
N LYS A 142 31.83 14.29 16.45
CA LYS A 142 32.18 14.71 15.10
C LYS A 142 31.10 14.39 14.06
N ILE A 143 29.86 14.15 14.48
CA ILE A 143 28.72 14.03 13.57
C ILE A 143 27.97 15.34 13.57
N SER A 144 27.73 15.91 12.39
CA SER A 144 27.06 17.20 12.30
C SER A 144 25.60 17.06 12.72
N LEU A 145 25.13 17.99 13.54
CA LEU A 145 23.73 18.10 13.92
C LEU A 145 22.95 19.03 12.99
N ALA A 146 23.61 19.59 11.98
CA ALA A 146 22.91 20.48 11.05
C ALA A 146 21.74 19.76 10.38
N GLY A 147 20.65 20.49 10.18
CA GLY A 147 19.49 19.90 9.55
C GLY A 147 18.44 19.48 10.57
N PHE A 148 17.25 19.16 10.06
CA PHE A 148 16.11 19.00 10.95
C PHE A 148 15.17 17.95 10.39
N PRO A 149 14.59 17.08 11.24
CA PRO A 149 13.74 16.00 10.72
C PRO A 149 12.29 16.40 10.50
N GLY A 150 11.88 17.56 10.97
CA GLY A 150 10.45 17.90 11.00
C GLY A 150 9.77 17.37 12.25
N TYR A 151 8.73 18.08 12.70
CA TYR A 151 8.07 17.79 13.96
C TYR A 151 6.56 17.75 13.74
N ARG A 152 5.86 17.09 14.66
CA ARG A 152 4.41 17.19 14.74
C ARG A 152 4.00 17.21 16.21
N VAL A 153 3.16 18.18 16.58
CA VAL A 153 2.60 18.27 17.92
C VAL A 153 1.10 17.94 17.82
N GLU A 154 0.64 16.97 18.63
CA GLU A 154 -0.73 16.47 18.57
C GLU A 154 -1.44 16.65 19.90
N LEU A 155 -2.71 17.08 19.81
CA LEU A 155 -3.66 17.06 20.92
C LEU A 155 -4.65 15.94 20.65
N LEU A 156 -4.78 15.02 21.61
CA LEU A 156 -5.57 13.82 21.45
C LEU A 156 -6.77 13.79 22.39
N ALA A 157 -7.83 13.11 21.96
CA ALA A 157 -8.84 12.53 22.84
C ALA A 157 -8.84 11.04 22.55
N GLY A 158 -8.54 10.23 23.57
CA GLY A 158 -8.36 8.81 23.29
C GLY A 158 -7.25 8.62 22.26
N ASP A 159 -7.53 7.89 21.18
CA ASP A 159 -6.58 7.67 20.11
CA ASP A 159 -6.59 7.67 20.11
C ASP A 159 -6.81 8.60 18.92
N THR A 160 -7.63 9.63 19.08
CA THR A 160 -7.98 10.50 17.97
C THR A 160 -7.22 11.82 18.08
N VAL A 161 -6.57 12.20 16.98
CA VAL A 161 -5.82 13.46 16.92
C VAL A 161 -6.82 14.56 16.63
N LEU A 162 -7.18 15.34 17.67
CA LEU A 162 -8.19 16.40 17.52
C LEU A 162 -7.69 17.51 16.63
N ALA A 163 -6.46 17.95 16.85
CA ALA A 163 -5.83 19.03 16.10
C ALA A 163 -4.33 18.82 16.21
N ALA A 164 -3.58 19.22 15.19
CA ALA A 164 -2.13 19.01 15.27
C ALA A 164 -1.41 20.04 14.42
N ASP A 165 -0.23 20.43 14.90
CA ASP A 165 0.70 21.25 14.13
C ASP A 165 1.68 20.28 13.47
N HIS A 166 1.49 20.01 12.19
CA HIS A 166 2.44 19.21 11.40
C HIS A 166 3.47 20.14 10.78
N ASN A 167 4.53 20.42 11.53
CA ASN A 167 5.74 21.04 10.99
C ASN A 167 5.49 22.41 10.37
N ASN A 168 4.67 23.25 11.02
CA ASN A 168 4.33 24.54 10.43
C ASN A 168 5.35 25.63 10.70
N LEU A 169 6.28 25.44 11.63
CA LEU A 169 7.23 26.47 12.01
C LEU A 169 8.59 26.13 11.42
N TYR A 170 9.26 27.15 10.90
CA TYR A 170 10.64 27.02 10.44
C TYR A 170 11.56 27.35 11.61
N ILE A 171 12.41 26.40 11.99
CA ILE A 171 13.26 26.52 13.17
C ILE A 171 14.69 26.26 12.75
N LYS A 172 15.55 27.26 12.89
CA LYS A 172 16.95 27.16 12.48
C LYS A 172 17.77 26.35 13.49
N ASP A 173 18.88 25.80 13.02
CA ASP A 173 19.81 25.09 13.89
C ASP A 173 20.23 25.96 15.07
N GLY A 174 20.13 25.38 16.26
CA GLY A 174 20.46 26.07 17.49
C GLY A 174 19.35 26.88 18.12
N GLU A 175 18.12 26.82 17.59
CA GLU A 175 17.06 27.68 18.08
C GLU A 175 15.85 26.87 18.55
N PHE A 176 14.97 27.55 19.29
CA PHE A 176 13.67 27.03 19.69
C PHE A 176 12.57 27.96 19.18
N LYS A 177 11.41 27.38 18.85
CA LYS A 177 10.21 28.16 18.62
C LYS A 177 9.02 27.47 19.31
N THR A 178 8.00 28.27 19.66
CA THR A 178 6.79 27.75 20.33
C THR A 178 5.72 27.36 19.30
N SER A 179 5.27 26.10 19.36
CA SER A 179 4.11 25.62 18.60
C SER A 179 2.86 25.73 19.47
N THR A 180 1.75 26.15 18.84
CA THR A 180 0.49 26.34 19.55
C THR A 180 -0.59 25.60 18.78
N VAL A 181 -1.31 24.71 19.46
CA VAL A 181 -2.42 23.96 18.89
C VAL A 181 -3.64 24.24 19.75
N THR A 182 -4.74 24.65 19.13
CA THR A 182 -5.99 24.90 19.85
C THR A 182 -7.11 24.05 19.28
N PHE A 183 -8.12 23.79 20.12
CA PHE A 183 -9.25 22.98 19.70
C PHE A 183 -10.46 23.29 20.57
N THR A 184 -11.62 23.43 19.94
CA THR A 184 -12.87 23.60 20.69
C THR A 184 -13.77 22.40 20.41
N ALA A 185 -14.22 21.76 21.49
CA ALA A 185 -15.13 20.62 21.41
C ALA A 185 -16.57 21.12 21.49
N THR A 186 -17.38 20.68 20.57
CA THR A 186 -18.82 20.97 20.58
C THR A 186 -19.58 19.89 21.33
N PRO A 187 -20.83 20.16 21.75
CA PRO A 187 -21.61 19.10 22.43
C PRO A 187 -21.80 17.85 21.60
N ASP A 188 -21.70 17.92 20.27
CA ASP A 188 -21.88 16.76 19.42
C ASP A 188 -20.58 16.07 19.06
N ASN A 189 -19.47 16.44 19.69
CA ASN A 189 -18.21 15.79 19.36
C ASN A 189 -18.26 14.32 19.74
N PRO A 190 -17.78 13.43 18.86
CA PRO A 190 -17.84 11.99 19.15
C PRO A 190 -16.94 11.53 20.28
N TYR A 191 -15.96 12.33 20.69
CA TYR A 191 -14.90 11.89 21.59
C TYR A 191 -15.01 12.48 22.99
N LEU A 192 -16.13 13.13 23.31
CA LEU A 192 -16.34 13.62 24.66
C LEU A 192 -16.16 12.52 25.67
N ASP A 193 -15.62 12.89 26.83
CA ASP A 193 -15.35 12.07 28.01
C ASP A 193 -14.15 11.13 27.86
N GLN A 194 -13.49 11.11 26.70
CA GLN A 194 -12.24 10.37 26.57
C GLN A 194 -11.09 11.18 27.15
N LYS A 195 -10.04 10.48 27.56
CA LYS A 195 -8.91 11.16 28.18
C LYS A 195 -8.13 11.98 27.16
N LEU A 196 -7.77 13.19 27.55
CA LEU A 196 -6.90 14.02 26.72
C LEU A 196 -5.49 13.42 26.68
N GLY A 197 -4.81 13.65 25.56
CA GLY A 197 -3.45 13.17 25.40
C GLY A 197 -2.63 14.16 24.59
N ILE A 198 -1.31 14.02 24.69
CA ILE A 198 -0.37 14.84 23.95
C ILE A 198 0.68 13.94 23.29
N ARG A 199 1.02 14.25 22.04
CA ARG A 199 2.15 13.58 21.38
C ARG A 199 3.08 14.64 20.83
N LEU A 200 4.39 14.39 20.98
CA LEU A 200 5.46 15.22 20.43
C LEU A 200 6.30 14.31 19.54
N ILE A 201 6.30 14.56 18.23
CA ILE A 201 6.71 13.56 17.24
C ILE A 201 7.87 14.07 16.39
N ASN A 202 8.86 13.20 16.20
CA ASN A 202 9.94 13.33 15.23
C ASN A 202 9.45 12.71 13.93
N LEU A 203 9.37 13.52 12.86
CA LEU A 203 8.79 13.08 11.59
C LEU A 203 9.75 12.27 10.72
N LEU A 204 11.05 12.30 11.03
CA LEU A 204 12.07 11.62 10.23
C LEU A 204 11.95 11.98 8.75
N GLN A 205 11.91 13.28 8.46
CA GLN A 205 11.78 13.78 7.09
C GLN A 205 12.99 14.64 6.72
N GLY A 206 14.14 14.30 7.30
CA GLY A 206 15.38 14.99 7.02
C GLY A 206 16.43 14.61 8.04
N THR A 207 17.69 15.00 7.73
CA THR A 207 18.85 14.78 8.60
C THR A 207 19.54 16.11 8.87
N PHE A 208 20.24 16.24 10.01
CA PHE A 208 20.28 15.34 11.15
C PHE A 208 18.92 15.08 11.76
N SER A 209 18.65 13.82 12.11
CA SER A 209 17.29 13.38 12.40
C SER A 209 17.00 13.37 13.89
N GLY A 210 17.42 14.41 14.60
CA GLY A 210 17.04 14.59 15.99
C GLY A 210 16.42 15.95 16.21
N LEU A 211 15.55 16.01 17.21
CA LEU A 211 14.94 17.27 17.60
C LEU A 211 14.60 17.20 19.10
N ASP A 212 14.25 18.38 19.65
CA ASP A 212 14.02 18.53 21.07
C ASP A 212 12.66 19.19 21.32
N PHE A 213 12.14 18.98 22.52
CA PHE A 213 10.90 19.61 22.98
C PHE A 213 11.10 20.11 24.41
N ASP A 214 10.36 21.15 24.78
CA ASP A 214 10.39 21.61 26.17
C ASP A 214 9.11 22.37 26.48
N ASN A 215 8.82 22.44 27.78
CA ASN A 215 7.83 23.36 28.36
C ASN A 215 6.44 23.12 27.78
N VAL A 216 5.96 21.87 27.93
CA VAL A 216 4.61 21.54 27.48
C VAL A 216 3.59 22.18 28.41
N ARG A 217 2.61 22.87 27.83
CA ARG A 217 1.58 23.56 28.57
C ARG A 217 0.24 23.27 27.94
N LEU A 218 -0.76 22.92 28.75
CA LEU A 218 -2.12 22.74 28.26
C LEU A 218 -3.06 23.53 29.14
N THR A 219 -3.79 24.48 28.54
CA THR A 219 -4.67 25.34 29.31
C THR A 219 -6.06 25.25 28.70
N VAL A 220 -7.06 25.71 29.46
CA VAL A 220 -8.45 25.41 29.14
C VAL A 220 -9.31 26.60 29.54
N GLU A 221 -10.38 26.84 28.77
CA GLU A 221 -11.25 27.99 29.00
C GLU A 221 -12.62 27.68 28.41
N PRO A 222 -13.68 28.29 28.92
CA PRO A 222 -15.01 28.07 28.31
C PRO A 222 -15.01 28.59 26.89
N ALA A 223 -15.69 27.86 26.01
CA ALA A 223 -15.90 28.34 24.65
C ALA A 223 -17.31 28.00 24.19
N THR B 24 12.68 35.64 -7.29
CA THR B 24 13.23 36.80 -6.59
C THR B 24 12.14 37.66 -5.95
N SER B 25 10.89 37.23 -6.07
CA SER B 25 9.78 37.89 -5.39
C SER B 25 8.65 36.88 -5.25
N VAL B 26 7.53 37.32 -4.66
CA VAL B 26 6.37 36.44 -4.47
C VAL B 26 5.76 36.09 -5.82
N VAL B 27 5.62 34.79 -6.08
CA VAL B 27 5.10 34.27 -7.34
C VAL B 27 4.01 33.25 -7.03
N SER B 28 2.93 33.28 -7.81
CA SER B 28 1.91 32.24 -7.72
C SER B 28 2.31 31.01 -8.52
N ILE B 29 2.09 29.84 -7.93
CA ILE B 29 2.32 28.57 -8.61
C ILE B 29 1.00 28.12 -9.20
N PRO B 30 0.94 27.79 -10.50
CA PRO B 30 -0.36 27.48 -11.12
C PRO B 30 -0.94 26.20 -10.58
N ILE B 31 -2.24 26.25 -10.30
CA ILE B 31 -3.03 25.11 -9.85
C ILE B 31 -4.24 24.97 -10.75
N ASN B 32 -4.50 23.77 -11.25
CA ASN B 32 -5.66 23.57 -12.13
C ASN B 32 -6.97 23.58 -11.32
N ASN B 33 -7.98 24.23 -11.89
CA ASN B 33 -9.32 24.28 -11.28
C ASN B 33 -9.21 24.61 -9.78
N ALA B 34 -8.47 25.68 -9.49
CA ALA B 34 -8.06 25.99 -8.11
C ALA B 34 -9.21 26.51 -7.26
N GLY B 35 -10.29 26.98 -7.89
CA GLY B 35 -11.45 27.41 -7.15
C GLY B 35 -12.68 26.58 -7.46
N PHE B 36 -12.46 25.40 -8.04
CA PHE B 36 -13.51 24.42 -8.34
C PHE B 36 -14.59 25.01 -9.23
N GLU B 37 -14.22 26.00 -10.04
CA GLU B 37 -15.20 26.65 -10.92
C GLU B 37 -15.58 25.79 -12.13
N ASP B 38 -14.86 24.71 -12.37
CA ASP B 38 -15.19 23.76 -13.42
C ASP B 38 -15.70 22.48 -12.77
N PRO B 39 -16.91 22.00 -13.09
CA PRO B 39 -17.82 22.56 -14.08
C PRO B 39 -18.73 23.68 -13.57
N PHE B 40 -19.18 24.49 -14.52
CA PHE B 40 -20.22 25.49 -14.26
C PHE B 40 -21.50 24.78 -13.85
N ILE B 41 -22.18 25.36 -12.87
CA ILE B 41 -23.42 24.81 -12.33
C ILE B 41 -24.47 25.91 -12.34
N GLU B 42 -25.60 25.67 -13.02
CA GLU B 42 -26.58 26.72 -13.20
C GLU B 42 -27.44 26.93 -11.96
N VAL B 43 -27.89 25.86 -11.32
CA VAL B 43 -28.87 25.96 -10.25
C VAL B 43 -28.17 26.11 -8.90
N VAL B 44 -28.61 27.11 -8.12
CA VAL B 44 -27.97 27.33 -6.83
C VAL B 44 -28.23 26.13 -5.93
N ASP B 45 -27.19 25.73 -5.22
CA ASP B 45 -27.16 24.60 -4.29
C ASP B 45 -27.19 23.25 -5.01
N ASP B 46 -27.11 23.22 -6.33
CA ASP B 46 -26.91 21.95 -7.00
C ASP B 46 -25.42 21.62 -7.04
N TYR B 47 -25.11 20.37 -7.37
CA TYR B 47 -23.78 19.84 -7.12
C TYR B 47 -23.52 18.62 -8.01
N THR B 48 -22.25 18.35 -8.25
CA THR B 48 -21.82 17.11 -8.88
C THR B 48 -21.42 16.12 -7.81
N VAL B 49 -21.28 14.85 -8.21
CA VAL B 49 -20.85 13.83 -7.26
C VAL B 49 -19.64 13.08 -7.81
N ASP B 50 -18.92 13.70 -8.74
CA ASP B 50 -17.74 13.09 -9.31
C ASP B 50 -16.52 13.97 -9.08
N THR B 51 -15.35 13.36 -9.14
CA THR B 51 -14.09 14.04 -8.88
C THR B 51 -13.98 15.29 -9.74
N PRO B 52 -13.75 16.46 -9.14
CA PRO B 52 -13.63 17.68 -9.94
C PRO B 52 -12.51 17.60 -10.94
N PRO B 53 -12.71 18.12 -12.15
CA PRO B 53 -11.62 18.21 -13.13
C PRO B 53 -10.38 18.85 -12.51
N GLY B 54 -9.21 18.34 -12.90
CA GLY B 54 -7.95 18.84 -12.40
C GLY B 54 -7.47 18.22 -11.11
N TRP B 55 -8.34 17.54 -10.37
CA TRP B 55 -8.01 16.94 -9.08
C TRP B 55 -8.22 15.43 -9.15
N THR B 56 -7.59 14.71 -8.23
CA THR B 56 -7.89 13.30 -8.04
C THR B 56 -8.53 13.10 -6.67
N THR B 57 -9.21 11.97 -6.51
CA THR B 57 -9.79 11.66 -5.22
C THR B 57 -8.71 11.00 -4.35
N TYR B 58 -8.37 11.65 -3.25
CA TYR B 58 -7.48 11.07 -2.27
C TYR B 58 -8.26 10.05 -1.45
N ASN B 59 -7.84 8.80 -1.49
CA ASN B 59 -8.67 7.71 -1.03
C ASN B 59 -7.86 6.63 -0.31
N PRO B 60 -7.09 7.00 0.72
CA PRO B 60 -6.16 6.02 1.32
C PRO B 60 -6.84 4.90 2.07
N ASN B 61 -8.09 5.09 2.49
CA ASN B 61 -8.86 4.09 3.23
C ASN B 61 -9.99 3.49 2.41
N ASN B 62 -10.00 3.74 1.10
CA ASN B 62 -11.02 3.23 0.17
C ASN B 62 -12.44 3.53 0.65
N LEU B 63 -12.65 4.68 1.30
CA LEU B 63 -13.99 5.02 1.75
C LEU B 63 -14.89 5.49 0.61
N VAL B 64 -14.32 6.03 -0.46
CA VAL B 64 -15.11 6.63 -1.54
C VAL B 64 -15.24 5.62 -2.68
N PRO B 65 -16.46 5.23 -3.06
CA PRO B 65 -16.62 4.34 -4.22
C PRO B 65 -16.33 5.03 -5.54
N GLU B 66 -15.95 4.21 -6.52
CA GLU B 66 -15.71 4.73 -7.87
C GLU B 66 -16.98 5.31 -8.49
N LYS B 67 -18.16 4.73 -8.19
CA LYS B 67 -19.42 5.26 -8.65
C LYS B 67 -20.21 5.76 -7.45
N ARG B 68 -20.66 7.01 -7.51
CA ARG B 68 -21.23 7.69 -6.37
C ARG B 68 -22.68 8.11 -6.63
N THR B 69 -23.45 8.21 -5.55
CA THR B 69 -24.71 8.96 -5.56
C THR B 69 -24.70 9.98 -4.43
N THR B 70 -25.85 10.60 -4.19
CA THR B 70 -25.94 11.67 -3.20
C THR B 70 -25.48 11.21 -1.82
N TRP B 71 -25.88 10.00 -1.39
CA TRP B 71 -25.65 9.57 -0.02
C TRP B 71 -24.63 8.45 0.10
N THR B 72 -23.94 8.08 -0.98
CA THR B 72 -22.69 7.39 -0.77
C THR B 72 -21.62 8.39 -0.39
N SER B 73 -20.47 7.88 0.04
CA SER B 73 -19.30 8.73 0.14
C SER B 73 -18.97 9.27 -1.25
N ASN B 74 -18.60 10.55 -1.32
CA ASN B 74 -18.39 11.17 -2.63
C ASN B 74 -17.56 12.44 -2.49
N ASN B 75 -17.31 13.07 -3.64
CA ASN B 75 -16.82 14.45 -3.68
C ASN B 75 -17.30 15.06 -4.99
N GLY B 76 -17.09 16.36 -5.13
CA GLY B 76 -17.61 17.08 -6.29
C GLY B 76 -17.53 18.57 -6.07
N VAL B 77 -18.28 19.31 -6.88
CA VAL B 77 -18.35 20.76 -6.76
C VAL B 77 -19.81 21.15 -6.56
N GLY B 78 -20.00 22.34 -6.00
CA GLY B 78 -21.32 22.84 -5.66
C GLY B 78 -21.39 24.35 -5.84
N TYR B 79 -22.50 24.86 -6.40
CA TYR B 79 -22.67 26.29 -6.59
C TYR B 79 -23.23 26.90 -5.30
N VAL B 80 -22.45 27.81 -4.68
CA VAL B 80 -22.88 28.55 -3.49
C VAL B 80 -23.08 30.01 -3.89
N GLY B 81 -24.30 30.36 -4.29
CA GLY B 81 -24.63 31.73 -4.63
C GLY B 81 -25.84 32.23 -3.88
N PRO B 82 -26.34 33.42 -4.25
CA PRO B 82 -27.58 33.92 -3.63
C PRO B 82 -28.68 32.87 -3.70
N GLY B 83 -29.35 32.67 -2.56
CA GLY B 83 -30.31 31.62 -2.38
C GLY B 83 -29.81 30.46 -1.54
N THR B 84 -28.50 30.37 -1.30
CA THR B 84 -27.94 29.16 -0.71
C THR B 84 -28.49 28.91 0.69
N GLN B 85 -28.79 27.65 0.96
CA GLN B 85 -29.30 27.18 2.23
C GLN B 85 -28.21 26.80 3.20
N PHE B 86 -26.95 26.90 2.81
CA PHE B 86 -25.86 26.24 3.55
C PHE B 86 -24.88 27.20 4.22
N TYR B 87 -24.90 28.48 3.87
CA TYR B 87 -23.89 29.43 4.33
C TYR B 87 -24.52 30.80 4.53
N ASN B 88 -23.93 31.59 5.41
CA ASN B 88 -24.29 32.99 5.60
C ASN B 88 -23.38 33.91 4.81
N GLN B 89 -22.70 33.37 3.82
CA GLN B 89 -21.84 34.10 2.91
C GLN B 89 -21.90 33.35 1.59
N LEU B 90 -21.42 34.00 0.53
CA LEU B 90 -21.35 33.36 -0.77
C LEU B 90 -20.05 32.58 -0.87
N ALA B 91 -19.84 31.91 -2.00
CA ALA B 91 -18.59 31.18 -2.20
C ALA B 91 -17.41 32.12 -2.02
N PRO B 92 -16.36 31.69 -1.33
CA PRO B 92 -15.18 32.56 -1.16
C PRO B 92 -14.66 33.14 -2.46
N GLU B 93 -14.73 32.36 -3.53
CA GLU B 93 -14.22 32.72 -4.85
C GLU B 93 -15.19 32.21 -5.90
N GLY B 94 -15.51 33.06 -6.87
CA GLY B 94 -16.37 32.60 -7.96
C GLY B 94 -17.72 32.08 -7.51
N ARG B 95 -18.22 31.07 -8.23
CA ARG B 95 -19.53 30.47 -8.00
C ARG B 95 -19.50 29.25 -7.11
N ASN B 96 -18.46 28.43 -7.20
CA ASN B 96 -18.48 27.07 -6.72
C ASN B 96 -17.51 26.86 -5.58
N ILE B 97 -17.79 25.82 -4.79
CA ILE B 97 -16.85 25.25 -3.85
C ILE B 97 -16.62 23.79 -4.25
N GLY B 98 -15.62 23.17 -3.66
CA GLY B 98 -15.41 21.72 -3.77
C GLY B 98 -15.74 21.08 -2.44
N PHE B 99 -16.44 19.93 -2.48
CA PHE B 99 -16.87 19.28 -1.24
C PHE B 99 -16.44 17.82 -1.22
N ILE B 100 -16.35 17.29 0.00
CA ILE B 100 -16.12 15.87 0.27
C ILE B 100 -17.09 15.43 1.34
N TYR B 101 -17.87 14.37 1.06
CA TYR B 101 -18.81 13.82 2.02
C TYR B 101 -18.49 12.35 2.26
N LEU B 102 -18.54 11.94 3.52
CA LEU B 102 -18.23 10.57 3.88
C LEU B 102 -19.39 9.95 4.65
N ALA B 103 -19.84 8.79 4.20
CA ALA B 103 -20.99 8.12 4.78
C ALA B 103 -20.63 7.19 5.92
N GLN B 104 -19.38 6.75 6.00
CA GLN B 104 -18.96 5.84 7.06
C GLN B 104 -18.92 6.57 8.41
N LYS B 105 -18.80 5.79 9.48
CA LYS B 105 -18.86 6.32 10.83
C LYS B 105 -17.55 7.04 11.16
N PRO B 106 -17.59 8.01 12.07
CA PRO B 106 -16.34 8.63 12.53
C PRO B 106 -15.33 7.57 12.96
N GLY B 107 -14.06 7.80 12.62
CA GLY B 107 -13.01 6.83 12.85
C GLY B 107 -12.68 5.91 11.69
N SER B 108 -13.51 5.88 10.64
CA SER B 108 -13.31 4.89 9.58
C SER B 108 -12.16 5.22 8.63
N GLY B 109 -11.60 6.42 8.69
CA GLY B 109 -10.53 6.77 7.78
C GLY B 109 -10.67 8.20 7.31
N VAL B 110 -9.96 8.54 6.23
CA VAL B 110 -10.03 9.88 5.65
C VAL B 110 -10.13 9.77 4.14
N ALA B 111 -10.57 10.87 3.51
CA ALA B 111 -10.55 11.00 2.07
C ALA B 111 -10.60 12.47 1.72
N GLY B 112 -10.24 12.79 0.47
CA GLY B 112 -10.44 14.14 -0.03
C GLY B 112 -9.95 14.38 -1.44
N PHE B 113 -9.29 15.52 -1.64
CA PHE B 113 -8.79 15.94 -2.93
C PHE B 113 -7.26 15.92 -2.90
N GLU B 114 -6.68 15.58 -4.04
CA GLU B 114 -5.24 15.69 -4.22
C GLU B 114 -4.95 16.25 -5.59
N GLN B 115 -3.93 17.10 -5.67
CA GLN B 115 -3.44 17.53 -6.98
C GLN B 115 -1.93 17.64 -6.93
N ILE B 116 -1.25 16.94 -7.83
CA ILE B 116 0.18 17.05 -8.00
C ILE B 116 0.46 18.15 -9.01
N LEU B 117 1.39 19.02 -8.68
CA LEU B 117 1.67 20.18 -9.51
C LEU B 117 2.86 19.90 -10.43
N ASP B 118 3.01 20.75 -11.44
CA ASP B 118 4.19 20.69 -12.29
C ASP B 118 5.41 21.27 -11.58
N ALA B 119 5.23 22.27 -10.73
CA ALA B 119 6.35 22.86 -10.02
C ALA B 119 6.98 21.84 -9.08
N THR B 120 8.27 22.03 -8.79
CA THR B 120 9.02 21.12 -7.93
C THR B 120 9.59 21.89 -6.75
N LEU B 121 9.98 21.14 -5.71
CA LEU B 121 10.49 21.74 -4.47
C LEU B 121 11.86 22.35 -4.70
N GLU B 122 11.99 23.64 -4.40
CA GLU B 122 13.25 24.32 -4.63
C GLU B 122 13.86 24.85 -3.33
N PRO B 123 15.18 24.81 -3.21
CA PRO B 123 15.81 25.27 -1.96
C PRO B 123 15.80 26.79 -1.82
N ASP B 124 16.00 27.21 -0.56
CA ASP B 124 16.04 28.63 -0.17
C ASP B 124 14.75 29.35 -0.57
N THR B 125 13.63 28.65 -0.46
CA THR B 125 12.34 29.20 -0.84
C THR B 125 11.36 29.01 0.29
N LYS B 126 10.37 29.90 0.38
CA LYS B 126 9.30 29.79 1.37
C LYS B 126 7.99 29.62 0.62
N TYR B 127 7.27 28.55 0.94
CA TYR B 127 6.00 28.24 0.30
C TYR B 127 4.85 28.65 1.22
N THR B 128 3.79 29.18 0.62
CA THR B 128 2.62 29.58 1.39
C THR B 128 1.41 29.02 0.67
N LEU B 129 0.75 28.08 1.33
CA LEU B 129 -0.46 27.45 0.83
C LEU B 129 -1.65 28.00 1.61
N LYS B 130 -2.66 28.50 0.89
CA LYS B 130 -3.86 29.01 1.52
C LYS B 130 -5.05 28.34 0.88
N VAL B 131 -6.03 27.96 1.70
CA VAL B 131 -7.29 27.48 1.15
C VAL B 131 -8.41 27.84 2.12
N ASP B 132 -9.59 28.15 1.58
CA ASP B 132 -10.72 28.43 2.44
C ASP B 132 -11.43 27.12 2.77
N VAL B 133 -11.76 26.93 4.04
CA VAL B 133 -12.38 25.70 4.53
C VAL B 133 -13.78 26.05 5.00
N GLY B 134 -14.77 25.36 4.47
CA GLY B 134 -16.16 25.64 4.78
C GLY B 134 -16.87 24.58 5.59
N ASN B 135 -17.61 25.03 6.60
CA ASN B 135 -18.41 24.18 7.47
C ASN B 135 -19.85 24.44 7.09
N SER B 136 -20.40 23.57 6.27
CA SER B 136 -21.74 23.84 5.72
C SER B 136 -22.78 23.69 6.84
N GLY B 137 -23.80 24.56 6.79
CA GLY B 137 -24.83 24.57 7.80
C GLY B 137 -26.19 24.31 7.19
N GLY B 138 -27.19 24.32 8.04
CA GLY B 138 -28.56 24.21 7.59
C GLY B 138 -29.05 22.78 7.46
N GLU B 139 -29.85 22.54 6.41
CA GLU B 139 -30.53 21.26 6.26
C GLU B 139 -30.47 20.84 4.80
N PHE B 140 -30.33 19.54 4.58
CA PHE B 140 -30.36 18.94 3.24
C PHE B 140 -31.18 17.66 3.31
N GLN B 141 -32.29 17.61 2.57
CA GLN B 141 -33.17 16.44 2.56
C GLN B 141 -33.54 16.01 3.98
N LYS B 142 -33.90 16.98 4.80
CA LYS B 142 -34.28 16.81 6.20
C LYS B 142 -33.17 16.25 7.07
N ILE B 143 -31.93 16.22 6.56
CA ILE B 143 -30.76 15.81 7.33
C ILE B 143 -30.07 17.07 7.84
N SER B 144 -29.73 17.09 9.13
CA SER B 144 -29.06 18.26 9.68
C SER B 144 -27.62 18.28 9.18
N LEU B 145 -27.19 19.44 8.68
CA LEU B 145 -25.79 19.64 8.36
C LEU B 145 -25.00 20.18 9.54
N ALA B 146 -25.62 20.29 10.72
CA ALA B 146 -24.90 20.74 11.91
C ALA B 146 -23.75 19.79 12.20
N GLY B 147 -22.63 20.36 12.63
CA GLY B 147 -21.47 19.55 12.95
C GLY B 147 -20.44 19.55 11.82
N PHE B 148 -19.29 18.95 12.11
CA PHE B 148 -18.15 19.14 11.22
C PHE B 148 -17.23 17.93 11.37
N PRO B 149 -16.66 17.41 10.28
CA PRO B 149 -15.82 16.22 10.38
C PRO B 149 -14.37 16.50 10.74
N GLY B 150 -13.95 17.76 10.69
CA GLY B 150 -12.51 18.08 10.79
C GLY B 150 -11.83 18.03 9.44
N TYR B 151 -10.76 18.81 9.29
CA TYR B 151 -10.07 18.93 8.01
C TYR B 151 -8.56 18.81 8.21
N ARG B 152 -7.88 18.47 7.12
CA ARG B 152 -6.43 18.64 7.08
C ARG B 152 -6.05 19.17 5.71
N VAL B 153 -5.19 20.17 5.68
CA VAL B 153 -4.63 20.74 4.45
C VAL B 153 -3.15 20.40 4.43
N GLU B 154 -2.69 19.78 3.36
CA GLU B 154 -1.32 19.26 3.26
C GLU B 154 -0.58 19.89 2.09
N LEU B 155 0.68 20.27 2.33
CA LEU B 155 1.62 20.62 1.27
C LEU B 155 2.61 19.48 1.12
N LEU B 156 2.73 18.97 -0.09
CA LEU B 156 3.52 17.80 -0.42
C LEU B 156 4.71 18.16 -1.30
N ALA B 157 5.76 17.35 -1.18
CA ALA B 157 6.76 17.18 -2.23
C ALA B 157 6.89 15.68 -2.45
N GLY B 158 6.69 15.23 -3.69
CA GLY B 158 6.63 13.79 -3.89
C GLY B 158 5.54 13.17 -3.02
N ASP B 159 5.91 12.15 -2.23
CA ASP B 159 4.97 11.47 -1.34
C ASP B 159 5.03 11.98 0.09
N THR B 160 5.76 13.05 0.36
CA THR B 160 6.04 13.46 1.73
C THR B 160 5.20 14.68 2.07
N VAL B 161 4.53 14.61 3.22
CA VAL B 161 3.78 15.75 3.75
C VAL B 161 4.80 16.67 4.42
N LEU B 162 5.18 17.75 3.72
CA LEU B 162 6.17 18.69 4.25
C LEU B 162 5.64 19.47 5.45
N ALA B 163 4.39 19.94 5.35
CA ALA B 163 3.77 20.69 6.43
C ALA B 163 2.27 20.54 6.24
N ALA B 164 1.52 20.60 7.34
CA ALA B 164 0.08 20.40 7.22
C ALA B 164 -0.64 21.11 8.36
N ASP B 165 -1.83 21.61 8.04
CA ASP B 165 -2.74 22.16 9.03
C ASP B 165 -3.74 21.06 9.33
N HIS B 166 -3.57 20.40 10.47
CA HIS B 166 -4.49 19.32 10.87
C HIS B 166 -5.52 19.94 11.80
N ASN B 167 -6.61 20.43 11.21
CA ASN B 167 -7.78 20.88 11.97
C ASN B 167 -7.47 21.95 13.01
N ASN B 168 -6.66 22.95 12.65
CA ASN B 168 -6.26 23.94 13.64
C ASN B 168 -7.26 25.09 13.81
N LEU B 169 -8.19 25.28 12.89
CA LEU B 169 -9.16 26.36 12.97
C LEU B 169 -10.49 25.82 13.45
N TYR B 170 -11.14 26.58 14.32
CA TYR B 170 -12.52 26.31 14.70
C TYR B 170 -13.44 27.04 13.72
N ILE B 171 -14.33 26.30 13.08
CA ILE B 171 -15.15 26.84 12.00
C ILE B 171 -16.60 26.53 12.32
N LYS B 172 -17.40 27.59 12.51
CA LYS B 172 -18.82 27.40 12.82
C LYS B 172 -19.61 26.99 11.59
N ASP B 173 -20.74 26.31 11.85
CA ASP B 173 -21.69 26.02 10.78
C ASP B 173 -22.08 27.29 10.05
N GLY B 174 -22.07 27.22 8.71
CA GLY B 174 -22.43 28.33 7.86
C GLY B 174 -21.32 29.33 7.56
N GLU B 175 -20.06 29.06 7.93
CA GLU B 175 -19.00 30.00 7.58
C GLU B 175 -17.81 29.27 6.96
N PHE B 176 -16.97 30.05 6.29
CA PHE B 176 -15.65 29.64 5.80
C PHE B 176 -14.57 30.34 6.59
N LYS B 177 -13.43 29.68 6.76
CA LYS B 177 -12.22 30.29 7.32
C LYS B 177 -11.02 29.89 6.47
N THR B 178 -10.01 30.76 6.40
CA THR B 178 -8.83 30.51 5.58
C THR B 178 -7.78 29.76 6.40
N SER B 179 -7.36 28.61 5.88
CA SER B 179 -6.23 27.85 6.43
C SER B 179 -4.96 28.26 5.69
N THR B 180 -3.85 28.39 6.43
CA THR B 180 -2.57 28.80 5.88
C THR B 180 -1.50 27.81 6.31
N VAL B 181 -0.78 27.25 5.35
CA VAL B 181 0.35 26.36 5.63
C VAL B 181 1.61 26.94 5.00
N THR B 182 2.68 27.05 5.77
CA THR B 182 3.92 27.56 5.23
C THR B 182 5.03 26.55 5.45
N PHE B 183 6.02 26.60 4.56
CA PHE B 183 7.15 25.69 4.64
C PHE B 183 8.38 26.33 3.99
N THR B 184 9.52 26.21 4.67
CA THR B 184 10.78 26.70 4.12
C THR B 184 11.67 25.50 3.78
N ALA B 185 12.10 25.45 2.53
CA ALA B 185 12.94 24.37 2.03
C ALA B 185 14.39 24.83 2.04
N THR B 186 15.25 24.08 2.71
CA THR B 186 16.68 24.36 2.77
C THR B 186 17.44 23.60 1.69
N PRO B 187 18.69 23.99 1.40
CA PRO B 187 19.49 23.22 0.44
C PRO B 187 19.67 21.74 0.79
N ASP B 188 19.56 21.37 2.07
CA ASP B 188 19.74 19.98 2.45
C ASP B 188 18.42 19.22 2.59
N ASN B 189 17.30 19.82 2.20
CA ASN B 189 16.05 19.08 2.25
C ASN B 189 16.15 17.86 1.33
N PRO B 190 15.77 16.67 1.79
CA PRO B 190 15.95 15.46 0.98
C PRO B 190 14.98 15.31 -0.17
N TYR B 191 13.99 16.20 -0.32
CA TYR B 191 12.95 16.05 -1.33
C TYR B 191 12.99 17.14 -2.38
N LEU B 192 14.09 17.90 -2.46
CA LEU B 192 14.24 18.89 -3.52
C LEU B 192 14.04 18.23 -4.87
N ASP B 193 13.48 18.99 -5.80
CA ASP B 193 13.19 18.63 -7.18
C ASP B 193 12.08 17.59 -7.32
N GLN B 194 11.45 17.15 -6.23
CA GLN B 194 10.24 16.34 -6.35
C GLN B 194 9.04 17.26 -6.60
N LYS B 195 8.01 16.70 -7.23
CA LYS B 195 6.87 17.51 -7.62
C LYS B 195 6.06 17.93 -6.41
N LEU B 196 5.68 19.21 -6.35
CA LEU B 196 4.84 19.70 -5.26
C LEU B 196 3.42 19.15 -5.40
N GLY B 197 2.76 18.97 -4.26
CA GLY B 197 1.39 18.47 -4.24
C GLY B 197 0.57 19.17 -3.17
N ILE B 198 -0.76 19.07 -3.32
CA ILE B 198 -1.70 19.63 -2.37
C ILE B 198 -2.74 18.56 -2.05
N ARG B 199 -3.05 18.38 -0.76
CA ARG B 199 -4.20 17.57 -0.36
C ARG B 199 -5.14 18.39 0.53
N LEU B 200 -6.43 18.19 0.31
CA LEU B 200 -7.50 18.78 1.11
C LEU B 200 -8.35 17.60 1.59
N ILE B 201 -8.40 17.40 2.91
CA ILE B 201 -8.80 16.12 3.48
C ILE B 201 -9.96 16.30 4.46
N ASN B 202 -10.98 15.44 4.32
CA ASN B 202 -12.03 15.21 5.31
C ASN B 202 -11.52 14.18 6.32
N LEU B 203 -11.39 14.58 7.59
CA LEU B 203 -10.85 13.73 8.66
C LEU B 203 -11.84 12.69 9.17
N LEU B 204 -13.14 12.82 8.86
CA LEU B 204 -14.16 11.91 9.40
C LEU B 204 -14.04 11.74 10.92
N GLN B 205 -13.99 12.87 11.63
CA GLN B 205 -13.91 12.86 13.08
C GLN B 205 -15.08 13.64 13.68
N GLY B 206 -16.23 13.56 13.00
CA GLY B 206 -17.45 14.17 13.47
C GLY B 206 -18.52 14.04 12.41
N THR B 207 -19.75 14.32 12.82
CA THR B 207 -20.92 14.41 11.94
C THR B 207 -21.60 15.75 12.20
N PHE B 208 -22.26 16.34 11.18
CA PHE B 208 -22.35 15.91 9.80
C PHE B 208 -20.97 15.80 9.12
N SER B 209 -20.75 14.72 8.36
CA SER B 209 -19.41 14.35 7.89
C SER B 209 -19.11 14.89 6.49
N GLY B 210 -19.50 16.12 6.21
CA GLY B 210 -19.16 16.77 4.95
C GLY B 210 -18.50 18.10 5.23
N LEU B 211 -17.63 18.49 4.31
CA LEU B 211 -17.03 19.83 4.38
C LEU B 211 -16.65 20.29 2.98
N ASP B 212 -16.43 21.60 2.87
CA ASP B 212 -16.16 22.27 1.62
C ASP B 212 -14.79 22.96 1.64
N PHE B 213 -14.25 23.16 0.44
CA PHE B 213 -13.00 23.88 0.20
C PHE B 213 -13.20 24.83 -0.98
N ASP B 214 -12.43 25.94 -0.98
CA ASP B 214 -12.46 26.86 -2.10
C ASP B 214 -11.17 27.67 -2.11
N ASN B 215 -10.86 28.24 -3.28
CA ASN B 215 -9.84 29.27 -3.44
C ASN B 215 -8.46 28.78 -3.01
N VAL B 216 -7.99 27.69 -3.66
CA VAL B 216 -6.66 27.18 -3.34
C VAL B 216 -5.61 28.10 -3.97
N ARG B 217 -4.63 28.52 -3.18
CA ARG B 217 -3.57 29.43 -3.61
C ARG B 217 -2.24 28.91 -3.09
N LEU B 218 -1.22 28.89 -3.94
CA LEU B 218 0.12 28.53 -3.51
C LEU B 218 1.10 29.54 -4.07
N THR B 219 1.90 30.14 -3.21
CA THR B 219 2.94 31.06 -3.66
C THR B 219 4.29 30.59 -3.16
N VAL B 220 5.33 31.01 -3.87
CA VAL B 220 6.71 30.76 -3.48
C VAL B 220 7.46 32.09 -3.48
N GLU B 221 8.41 32.24 -2.58
CA GLU B 221 9.15 33.49 -2.43
C GLU B 221 10.53 33.17 -1.86
N PRO B 222 11.51 34.03 -2.09
CA PRO B 222 12.84 33.77 -1.51
C PRO B 222 12.78 33.79 0.00
N ALA B 223 13.41 32.80 0.62
CA ALA B 223 13.39 32.70 2.08
C ALA B 223 14.38 33.67 2.71
N VAL C 27 -21.15 -17.04 -2.41
CA VAL C 27 -21.22 -15.66 -2.91
C VAL C 27 -20.26 -15.45 -4.07
N SER C 28 -20.81 -15.18 -5.26
CA SER C 28 -20.00 -14.96 -6.44
C SER C 28 -19.82 -13.46 -6.70
N ILE C 29 -19.13 -13.15 -7.79
CA ILE C 29 -18.80 -11.76 -8.13
C ILE C 29 -18.88 -11.64 -9.65
N PRO C 30 -19.47 -10.57 -10.19
CA PRO C 30 -19.85 -10.58 -11.61
C PRO C 30 -18.67 -10.46 -12.56
N ILE C 31 -18.78 -11.15 -13.70
CA ILE C 31 -17.80 -11.11 -14.78
C ILE C 31 -18.56 -10.89 -16.09
N ASN C 32 -18.13 -9.89 -16.86
CA ASN C 32 -18.77 -9.59 -18.12
C ASN C 32 -18.49 -10.69 -19.13
N ASN C 33 -19.55 -11.28 -19.70
CA ASN C 33 -19.43 -12.33 -20.71
C ASN C 33 -18.58 -13.49 -20.18
N ALA C 34 -18.92 -13.95 -18.98
CA ALA C 34 -18.12 -14.97 -18.32
C ALA C 34 -18.09 -16.28 -19.10
N GLY C 35 -19.11 -16.54 -19.90
CA GLY C 35 -19.19 -17.76 -20.68
C GLY C 35 -19.02 -17.60 -22.17
N PHE C 36 -18.56 -16.45 -22.65
CA PHE C 36 -18.34 -16.20 -24.07
C PHE C 36 -19.59 -16.45 -24.91
N GLU C 37 -20.76 -16.39 -24.28
CA GLU C 37 -22.03 -16.54 -24.98
C GLU C 37 -22.37 -15.34 -25.85
N ASP C 38 -21.50 -14.34 -25.87
CA ASP C 38 -21.62 -13.16 -26.72
C ASP C 38 -20.39 -13.10 -27.62
N PRO C 39 -20.53 -13.15 -28.95
CA PRO C 39 -21.80 -13.14 -29.70
C PRO C 39 -22.42 -14.51 -30.02
N PHE C 40 -23.73 -14.49 -30.23
CA PHE C 40 -24.45 -15.67 -30.72
C PHE C 40 -23.91 -16.09 -32.08
N ILE C 41 -23.68 -17.39 -32.25
CA ILE C 41 -23.33 -17.97 -33.55
C ILE C 41 -24.33 -19.07 -33.86
N GLU C 42 -24.81 -19.11 -35.11
CA GLU C 42 -25.90 -20.03 -35.46
C GLU C 42 -25.37 -21.40 -35.86
N VAL C 43 -24.48 -21.45 -36.84
CA VAL C 43 -24.03 -22.73 -37.39
C VAL C 43 -23.00 -23.36 -36.48
N VAL C 44 -23.10 -24.68 -36.28
CA VAL C 44 -22.20 -25.40 -35.40
C VAL C 44 -20.77 -25.31 -35.91
N ASP C 45 -19.83 -25.20 -34.98
CA ASP C 45 -18.40 -25.11 -35.25
C ASP C 45 -18.01 -23.85 -36.02
N ASP C 46 -18.92 -22.88 -36.13
CA ASP C 46 -18.53 -21.58 -36.62
C ASP C 46 -17.96 -20.75 -35.47
N TYR C 47 -17.32 -19.64 -35.82
CA TYR C 47 -16.53 -18.91 -34.84
C TYR C 47 -16.36 -17.48 -35.30
N THR C 48 -15.91 -16.64 -34.37
CA THR C 48 -15.45 -15.29 -34.65
C THR C 48 -13.93 -15.24 -34.53
N VAL C 49 -13.37 -14.09 -34.89
CA VAL C 49 -11.93 -13.99 -35.12
C VAL C 49 -11.39 -12.76 -34.39
N ASP C 50 -12.29 -11.97 -33.81
CA ASP C 50 -11.91 -10.76 -33.10
C ASP C 50 -12.14 -10.92 -31.60
N THR C 51 -11.53 -10.01 -30.84
CA THR C 51 -11.55 -10.05 -29.38
C THR C 51 -12.98 -10.15 -28.88
N PRO C 52 -13.33 -11.19 -28.12
CA PRO C 52 -14.70 -11.32 -27.59
C PRO C 52 -15.11 -10.11 -26.78
N PRO C 53 -16.38 -9.72 -26.84
CA PRO C 53 -16.83 -8.58 -26.03
C PRO C 53 -16.70 -8.87 -24.53
N GLY C 54 -16.39 -7.82 -23.77
CA GLY C 54 -16.16 -7.93 -22.35
C GLY C 54 -14.72 -8.27 -21.97
N TRP C 55 -13.95 -8.84 -22.88
CA TRP C 55 -12.57 -9.21 -22.65
C TRP C 55 -11.65 -8.32 -23.49
N THR C 56 -10.37 -8.36 -23.16
CA THR C 56 -9.34 -7.74 -23.98
C THR C 56 -8.32 -8.80 -24.38
N THR C 57 -7.58 -8.52 -25.46
CA THR C 57 -6.54 -9.44 -25.91
C THR C 57 -5.27 -9.16 -25.12
N TYR C 58 -4.96 -10.05 -24.18
CA TYR C 58 -3.68 -10.05 -23.51
C TYR C 58 -2.60 -10.44 -24.52
N ASN C 59 -1.70 -9.50 -24.82
CA ASN C 59 -0.78 -9.63 -25.96
C ASN C 59 0.61 -9.15 -25.57
N PRO C 60 1.21 -9.74 -24.52
CA PRO C 60 2.48 -9.18 -24.01
C PRO C 60 3.65 -9.34 -24.96
N ASN C 61 3.58 -10.28 -25.91
CA ASN C 61 4.66 -10.49 -26.86
C ASN C 61 4.24 -10.12 -28.28
N ASN C 62 3.09 -9.47 -28.43
CA ASN C 62 2.58 -8.97 -29.71
C ASN C 62 2.55 -10.06 -30.78
N LEU C 63 2.08 -11.24 -30.39
CA LEU C 63 1.97 -12.35 -31.33
C LEU C 63 0.68 -12.28 -32.16
N VAL C 64 -0.28 -11.46 -31.76
CA VAL C 64 -1.61 -11.41 -32.37
C VAL C 64 -1.76 -10.07 -33.07
N PRO C 65 -2.11 -10.05 -34.36
CA PRO C 65 -2.33 -8.78 -35.05
C PRO C 65 -3.68 -8.17 -34.69
N GLU C 66 -3.80 -6.87 -34.95
CA GLU C 66 -5.07 -6.19 -34.72
C GLU C 66 -6.15 -6.71 -35.65
N LYS C 67 -5.81 -6.95 -36.91
CA LYS C 67 -6.70 -7.56 -37.88
C LYS C 67 -6.29 -9.02 -38.07
N ARG C 68 -7.24 -9.93 -37.84
CA ARG C 68 -6.96 -11.36 -37.87
C ARG C 68 -7.79 -12.05 -38.95
N THR C 69 -7.24 -13.13 -39.48
CA THR C 69 -7.98 -14.09 -40.29
C THR C 69 -8.16 -15.37 -39.49
N THR C 70 -8.84 -16.34 -40.11
CA THR C 70 -8.96 -17.66 -39.49
C THR C 70 -7.60 -18.24 -39.14
N TRP C 71 -6.58 -17.94 -39.96
CA TRP C 71 -5.28 -18.59 -39.83
C TRP C 71 -4.19 -17.70 -39.26
N THR C 72 -4.46 -16.42 -39.01
CA THR C 72 -3.50 -15.67 -38.21
C THR C 72 -3.63 -16.05 -36.75
N SER C 73 -2.63 -15.67 -35.95
CA SER C 73 -2.82 -15.66 -34.52
C SER C 73 -4.05 -14.82 -34.22
N ASN C 74 -4.90 -15.34 -33.33
CA ASN C 74 -6.19 -14.70 -33.12
C ASN C 74 -6.78 -15.21 -31.81
N ASN C 75 -7.93 -14.64 -31.46
CA ASN C 75 -8.83 -15.23 -30.48
C ASN C 75 -10.24 -14.96 -30.96
N GLY C 76 -11.21 -15.47 -30.23
CA GLY C 76 -12.60 -15.24 -30.60
C GLY C 76 -13.51 -16.19 -29.84
N VAL C 77 -14.77 -16.19 -30.27
CA VAL C 77 -15.80 -17.03 -29.68
C VAL C 77 -16.13 -18.14 -30.67
N GLY C 78 -16.45 -19.32 -30.14
CA GLY C 78 -16.79 -20.45 -30.99
C GLY C 78 -17.95 -21.27 -30.49
N TYR C 79 -18.88 -21.59 -31.39
CA TYR C 79 -20.03 -22.42 -31.04
C TYR C 79 -19.61 -23.89 -31.05
N VAL C 80 -19.77 -24.57 -29.92
CA VAL C 80 -19.54 -26.00 -29.81
C VAL C 80 -20.86 -26.60 -29.34
N GLY C 81 -21.57 -27.24 -30.26
CA GLY C 81 -22.84 -27.86 -29.98
C GLY C 81 -22.95 -29.15 -30.75
N PRO C 82 -24.14 -29.76 -30.76
CA PRO C 82 -24.33 -30.98 -31.55
C PRO C 82 -23.85 -30.80 -32.98
N GLY C 83 -23.06 -31.76 -33.46
CA GLY C 83 -22.41 -31.66 -34.75
C GLY C 83 -20.91 -31.43 -34.66
N THR C 84 -20.40 -31.00 -33.51
CA THR C 84 -19.02 -30.53 -33.42
C THR C 84 -18.03 -31.63 -33.75
N GLN C 85 -17.08 -31.30 -34.63
CA GLN C 85 -16.01 -32.19 -35.05
C GLN C 85 -14.77 -32.05 -34.18
N PHE C 86 -14.84 -31.25 -33.11
CA PHE C 86 -13.66 -30.90 -32.33
C PHE C 86 -13.61 -31.57 -30.96
N TYR C 87 -14.76 -31.83 -30.35
CA TYR C 87 -14.82 -32.31 -28.97
C TYR C 87 -15.74 -33.51 -28.87
N ASN C 88 -15.46 -34.38 -27.91
CA ASN C 88 -16.39 -35.41 -27.49
C ASN C 88 -17.36 -34.91 -26.43
N GLN C 89 -17.55 -33.60 -26.36
CA GLN C 89 -18.49 -32.99 -25.44
C GLN C 89 -18.87 -31.63 -26.03
N LEU C 90 -19.86 -31.00 -25.41
CA LEU C 90 -20.30 -29.69 -25.88
C LEU C 90 -19.59 -28.60 -25.08
N ALA C 91 -19.97 -27.35 -25.30
CA ALA C 91 -19.48 -26.27 -24.46
C ALA C 91 -19.82 -26.55 -23.00
N PRO C 92 -18.90 -26.32 -22.07
CA PRO C 92 -19.24 -26.57 -20.65
C PRO C 92 -20.36 -25.70 -20.14
N GLU C 93 -20.54 -24.52 -20.72
CA GLU C 93 -21.65 -23.64 -20.37
C GLU C 93 -22.28 -23.08 -21.63
N GLY C 94 -23.61 -23.13 -21.70
CA GLY C 94 -24.33 -22.56 -22.83
C GLY C 94 -23.86 -23.11 -24.15
N ARG C 95 -23.68 -22.21 -25.12
CA ARG C 95 -23.40 -22.59 -26.50
C ARG C 95 -21.94 -22.43 -26.92
N ASN C 96 -21.23 -21.44 -26.38
CA ASN C 96 -19.96 -21.00 -26.94
C ASN C 96 -18.79 -21.19 -25.99
N ILE C 97 -17.60 -21.23 -26.58
CA ILE C 97 -16.35 -21.17 -25.85
C ILE C 97 -15.53 -20.00 -26.40
N GLY C 98 -14.57 -19.54 -25.60
CA GLY C 98 -13.56 -18.61 -26.07
C GLY C 98 -12.30 -19.37 -26.40
N PHE C 99 -11.67 -19.03 -27.52
CA PHE C 99 -10.52 -19.77 -28.00
C PHE C 99 -9.37 -18.83 -28.31
N ILE C 100 -8.15 -19.37 -28.24
CA ILE C 100 -6.94 -18.63 -28.59
C ILE C 100 -6.05 -19.54 -29.42
N TYR C 101 -5.65 -19.06 -30.59
CA TYR C 101 -4.78 -19.79 -31.50
C TYR C 101 -3.57 -18.93 -31.82
N LEU C 102 -2.40 -19.55 -31.84
CA LEU C 102 -1.15 -18.86 -32.15
C LEU C 102 -0.43 -19.64 -33.24
N ALA C 103 -0.08 -18.95 -34.32
CA ALA C 103 0.59 -19.60 -35.44
C ALA C 103 2.11 -19.60 -35.29
N GLN C 104 2.66 -18.73 -34.45
CA GLN C 104 4.11 -18.67 -34.28
C GLN C 104 4.62 -19.98 -33.66
N LYS C 105 5.93 -20.21 -33.82
CA LYS C 105 6.53 -21.43 -33.34
C LYS C 105 6.48 -21.48 -31.82
N PRO C 106 6.42 -22.68 -31.25
CA PRO C 106 6.55 -22.80 -29.79
C PRO C 106 7.79 -22.09 -29.28
N GLY C 107 7.63 -21.36 -28.18
CA GLY C 107 8.69 -20.55 -27.60
C GLY C 107 8.59 -19.07 -27.91
N SER C 108 7.66 -18.66 -28.77
CA SER C 108 7.64 -17.27 -29.23
C SER C 108 6.98 -16.32 -28.24
N GLY C 109 6.24 -16.82 -27.26
CA GLY C 109 5.56 -15.95 -26.33
C GLY C 109 4.22 -16.55 -25.91
N VAL C 110 3.39 -15.70 -25.30
CA VAL C 110 2.07 -16.09 -24.85
C VAL C 110 1.07 -15.01 -25.25
N ALA C 111 -0.22 -15.36 -25.18
CA ALA C 111 -1.30 -14.42 -25.40
C ALA C 111 -2.60 -15.05 -24.90
N GLY C 112 -3.61 -14.21 -24.68
CA GLY C 112 -4.89 -14.75 -24.27
C GLY C 112 -5.91 -13.67 -23.94
N PHE C 113 -6.79 -13.98 -22.99
CA PHE C 113 -7.89 -13.13 -22.58
C PHE C 113 -7.57 -12.47 -21.25
N GLU C 114 -7.99 -11.21 -21.09
CA GLU C 114 -7.81 -10.47 -19.84
C GLU C 114 -9.05 -9.63 -19.57
N GLN C 115 -9.49 -9.62 -18.31
CA GLN C 115 -10.62 -8.81 -17.89
C GLN C 115 -10.39 -8.27 -16.48
N ILE C 116 -10.50 -6.97 -16.32
CA ILE C 116 -10.40 -6.31 -15.02
C ILE C 116 -11.79 -6.19 -14.43
N LEU C 117 -11.98 -6.71 -13.22
CA LEU C 117 -13.29 -6.72 -12.58
C LEU C 117 -13.50 -5.44 -11.76
N ASP C 118 -14.76 -5.26 -11.33
CA ASP C 118 -15.12 -4.05 -10.60
C ASP C 118 -14.74 -4.14 -9.13
N ALA C 119 -15.11 -5.24 -8.47
CA ALA C 119 -14.90 -5.35 -7.03
C ALA C 119 -13.42 -5.59 -6.73
N THR C 120 -12.96 -5.01 -5.62
CA THR C 120 -11.55 -5.00 -5.28
C THR C 120 -11.19 -6.22 -4.41
N LEU C 121 -9.91 -6.30 -4.05
CA LEU C 121 -9.42 -7.39 -3.20
C LEU C 121 -9.69 -7.04 -1.74
N GLU C 122 -10.40 -7.94 -1.04
CA GLU C 122 -10.82 -7.73 0.33
C GLU C 122 -10.06 -8.65 1.27
N PRO C 123 -9.64 -8.16 2.43
CA PRO C 123 -8.89 -8.99 3.36
C PRO C 123 -9.79 -10.04 4.03
N ASP C 124 -9.14 -11.07 4.57
CA ASP C 124 -9.81 -12.12 5.35
C ASP C 124 -10.89 -12.82 4.54
N THR C 125 -10.66 -13.00 3.25
CA THR C 125 -11.63 -13.70 2.42
C THR C 125 -10.92 -14.56 1.38
N LYS C 126 -11.49 -15.73 1.14
CA LYS C 126 -10.92 -16.72 0.22
C LYS C 126 -11.61 -16.60 -1.13
N TYR C 127 -10.82 -16.33 -2.16
CA TYR C 127 -11.32 -16.31 -3.53
C TYR C 127 -11.14 -17.68 -4.15
N THR C 128 -12.10 -18.09 -4.97
CA THR C 128 -12.02 -19.34 -5.71
C THR C 128 -12.36 -19.04 -7.17
N LEU C 129 -11.36 -19.12 -8.04
CA LEU C 129 -11.53 -18.86 -9.46
C LEU C 129 -11.50 -20.20 -10.19
N LYS C 130 -12.60 -20.51 -10.88
CA LYS C 130 -12.70 -21.73 -11.67
C LYS C 130 -12.95 -21.38 -13.12
N VAL C 131 -12.23 -22.06 -14.02
CA VAL C 131 -12.36 -21.89 -15.46
C VAL C 131 -12.20 -23.25 -16.12
N ASP C 132 -13.03 -23.52 -17.13
CA ASP C 132 -12.88 -24.74 -17.90
C ASP C 132 -11.90 -24.52 -19.06
N VAL C 133 -11.00 -25.47 -19.27
CA VAL C 133 -9.93 -25.36 -20.25
C VAL C 133 -10.08 -26.49 -21.26
N GLY C 134 -10.06 -26.15 -22.54
CA GLY C 134 -10.36 -27.12 -23.57
C GLY C 134 -9.23 -27.46 -24.52
N ASN C 135 -8.96 -28.75 -24.69
CA ASN C 135 -7.96 -29.23 -25.64
C ASN C 135 -8.72 -29.71 -26.88
N SER C 136 -8.87 -28.82 -27.86
CA SER C 136 -9.65 -29.15 -29.04
C SER C 136 -8.99 -30.26 -29.84
N GLY C 137 -9.78 -31.27 -30.21
CA GLY C 137 -9.24 -32.39 -30.94
C GLY C 137 -9.82 -32.55 -32.33
N GLY C 138 -9.56 -33.68 -32.97
CA GLY C 138 -10.08 -33.95 -34.28
C GLY C 138 -9.33 -33.20 -35.36
N GLU C 139 -10.08 -32.69 -36.35
CA GLU C 139 -9.47 -31.97 -37.46
C GLU C 139 -10.28 -30.72 -37.78
N PHE C 140 -9.65 -29.85 -38.57
CA PHE C 140 -10.26 -28.60 -39.00
C PHE C 140 -9.60 -28.23 -40.32
N GLN C 141 -10.37 -28.25 -41.41
CA GLN C 141 -9.84 -27.98 -42.75
C GLN C 141 -8.71 -28.93 -43.10
N LYS C 142 -8.83 -30.18 -42.67
CA LYS C 142 -7.83 -31.22 -42.91
C LYS C 142 -6.50 -30.91 -42.20
N ILE C 143 -6.59 -30.33 -41.01
CA ILE C 143 -5.42 -30.13 -40.16
C ILE C 143 -5.68 -30.79 -38.82
N SER C 144 -4.74 -31.61 -38.36
CA SER C 144 -4.86 -32.25 -37.06
C SER C 144 -4.84 -31.22 -35.95
N LEU C 145 -5.78 -31.34 -35.02
CA LEU C 145 -5.76 -30.53 -33.81
C LEU C 145 -5.03 -31.22 -32.68
N ALA C 146 -4.51 -32.44 -32.90
CA ALA C 146 -3.80 -33.17 -31.88
C ALA C 146 -2.68 -32.33 -31.29
N GLY C 147 -2.53 -32.40 -29.99
CA GLY C 147 -1.56 -31.58 -29.29
C GLY C 147 -2.20 -30.43 -28.55
N PHE C 148 -1.43 -29.81 -27.67
CA PHE C 148 -1.97 -28.82 -26.78
C PHE C 148 -0.82 -27.87 -26.49
N PRO C 149 -1.07 -26.56 -26.45
CA PRO C 149 0.03 -25.61 -26.22
C PRO C 149 0.37 -25.36 -24.76
N GLY C 150 -0.45 -25.82 -23.84
CA GLY C 150 -0.32 -25.41 -22.44
C GLY C 150 -1.10 -24.15 -22.13
N TYR C 151 -1.63 -24.09 -20.91
CA TYR C 151 -2.46 -22.97 -20.46
C TYR C 151 -1.90 -22.38 -19.17
N ARG C 152 -2.30 -21.14 -18.90
CA ARG C 152 -2.10 -20.52 -17.59
C ARG C 152 -3.32 -19.68 -17.24
N VAL C 153 -3.89 -19.92 -16.07
CA VAL C 153 -5.01 -19.14 -15.55
C VAL C 153 -4.49 -18.31 -14.39
N GLU C 154 -4.68 -16.99 -14.46
CA GLU C 154 -4.18 -16.05 -13.45
C GLU C 154 -5.31 -15.31 -12.76
N LEU C 155 -5.18 -15.14 -11.45
CA LEU C 155 -6.00 -14.22 -10.66
C LEU C 155 -5.12 -13.04 -10.27
N LEU C 156 -5.57 -11.82 -10.57
CA LEU C 156 -4.75 -10.64 -10.39
C LEU C 156 -5.39 -9.66 -9.43
N ALA C 157 -4.53 -8.87 -8.78
CA ALA C 157 -4.90 -7.61 -8.14
C ALA C 157 -3.99 -6.54 -8.72
N GLY C 158 -4.58 -5.57 -9.42
CA GLY C 158 -3.77 -4.61 -10.15
C GLY C 158 -3.02 -5.33 -11.25
N ASP C 159 -1.70 -5.15 -11.27
CA ASP C 159 -0.85 -5.87 -12.21
C ASP C 159 -0.13 -7.04 -11.55
N THR C 160 -0.60 -7.48 -10.39
CA THR C 160 0.10 -8.49 -9.60
C THR C 160 -0.65 -9.81 -9.73
N VAL C 161 0.06 -10.84 -10.19
CA VAL C 161 -0.46 -12.20 -10.26
C VAL C 161 -0.44 -12.76 -8.84
N LEU C 162 -1.60 -12.72 -8.17
CA LEU C 162 -1.65 -13.21 -6.80
C LEU C 162 -1.54 -14.73 -6.73
N ALA C 163 -2.20 -15.42 -7.66
CA ALA C 163 -2.12 -16.87 -7.73
C ALA C 163 -2.44 -17.29 -9.16
N ALA C 164 -1.79 -18.34 -9.63
CA ALA C 164 -2.01 -18.78 -11.00
C ALA C 164 -1.86 -20.29 -11.11
N ASP C 165 -2.57 -20.87 -12.07
CA ASP C 165 -2.42 -22.27 -12.42
C ASP C 165 -1.67 -22.31 -13.75
N HIS C 166 -0.37 -22.61 -13.68
CA HIS C 166 0.46 -22.72 -14.88
C HIS C 166 0.49 -24.19 -15.29
N ASN C 167 -0.47 -24.58 -16.14
CA ASN C 167 -0.43 -25.83 -16.90
C ASN C 167 -0.35 -27.07 -16.03
N ASN C 168 -1.14 -27.10 -14.95
CA ASN C 168 -1.06 -28.21 -14.01
C ASN C 168 -1.96 -29.38 -14.37
N LEU C 169 -3.01 -29.14 -15.14
CA LEU C 169 -3.92 -30.21 -15.57
C LEU C 169 -3.46 -30.79 -16.90
N TYR C 170 -3.52 -32.12 -17.00
CA TYR C 170 -3.27 -32.82 -18.25
C TYR C 170 -4.61 -33.00 -18.97
N ILE C 171 -4.77 -32.32 -20.10
CA ILE C 171 -6.04 -32.30 -20.82
C ILE C 171 -5.85 -33.05 -22.13
N LYS C 172 -6.60 -34.14 -22.29
CA LYS C 172 -6.54 -34.92 -23.51
C LYS C 172 -7.31 -34.23 -24.63
N ASP C 173 -6.92 -34.54 -25.87
CA ASP C 173 -7.58 -33.97 -27.04
C ASP C 173 -9.08 -34.24 -27.01
N GLY C 174 -9.88 -33.19 -27.24
CA GLY C 174 -11.31 -33.34 -27.34
C GLY C 174 -12.07 -33.31 -26.02
N GLU C 175 -11.46 -32.84 -24.93
CA GLU C 175 -12.16 -32.73 -23.67
C GLU C 175 -11.86 -31.39 -23.02
N PHE C 176 -12.70 -31.04 -22.04
CA PHE C 176 -12.50 -29.90 -21.16
C PHE C 176 -12.18 -30.39 -19.76
N LYS C 177 -11.46 -29.56 -19.00
CA LYS C 177 -11.19 -29.83 -17.59
C LYS C 177 -11.21 -28.52 -16.83
N THR C 178 -11.73 -28.55 -15.60
CA THR C 178 -11.86 -27.34 -14.80
C THR C 178 -10.55 -27.04 -14.07
N SER C 179 -10.04 -25.83 -14.28
CA SER C 179 -8.93 -25.31 -13.48
C SER C 179 -9.50 -24.57 -12.27
N THR C 180 -8.81 -24.69 -11.13
CA THR C 180 -9.22 -23.99 -9.92
C THR C 180 -8.03 -23.26 -9.34
N VAL C 181 -8.20 -21.96 -9.11
CA VAL C 181 -7.20 -21.14 -8.43
C VAL C 181 -7.85 -20.59 -7.16
N THR C 182 -7.29 -20.91 -6.01
CA THR C 182 -7.74 -20.36 -4.74
C THR C 182 -6.67 -19.44 -4.18
N PHE C 183 -7.10 -18.37 -3.52
CA PHE C 183 -6.21 -17.38 -2.95
C PHE C 183 -6.93 -16.70 -1.79
N THR C 184 -6.20 -16.45 -0.71
CA THR C 184 -6.71 -15.71 0.44
C THR C 184 -5.81 -14.53 0.69
N ALA C 185 -6.41 -13.35 0.83
CA ALA C 185 -5.67 -12.12 1.10
C ALA C 185 -5.83 -11.78 2.58
N THR C 186 -4.72 -11.78 3.31
CA THR C 186 -4.73 -11.45 4.72
C THR C 186 -4.78 -9.94 4.92
N PRO C 187 -5.15 -9.48 6.12
CA PRO C 187 -5.23 -8.03 6.37
C PRO C 187 -3.99 -7.23 5.98
N ASP C 188 -2.80 -7.83 6.00
CA ASP C 188 -1.59 -7.11 5.67
C ASP C 188 -1.15 -7.31 4.22
N ASN C 189 -2.04 -7.81 3.37
CA ASN C 189 -1.74 -7.99 1.95
C ASN C 189 -1.50 -6.63 1.29
N PRO C 190 -0.35 -6.42 0.64
CA PRO C 190 -0.04 -5.08 0.10
C PRO C 190 -0.86 -4.67 -1.10
N TYR C 191 -1.73 -5.53 -1.62
CA TYR C 191 -2.52 -5.21 -2.80
C TYR C 191 -4.01 -5.15 -2.49
N LEU C 192 -4.37 -4.87 -1.25
CA LEU C 192 -5.76 -4.73 -0.88
C LEU C 192 -6.36 -3.47 -1.52
N ASP C 193 -7.67 -3.52 -1.76
CA ASP C 193 -8.44 -2.46 -2.43
C ASP C 193 -7.99 -2.24 -3.86
N GLN C 194 -7.25 -3.19 -4.44
CA GLN C 194 -6.85 -3.11 -5.83
C GLN C 194 -7.80 -3.95 -6.68
N LYS C 195 -7.93 -3.58 -7.94
CA LYS C 195 -8.96 -4.13 -8.81
C LYS C 195 -8.62 -5.55 -9.23
N LEU C 196 -9.53 -6.48 -8.94
CA LEU C 196 -9.35 -7.87 -9.32
C LEU C 196 -9.25 -8.03 -10.84
N GLY C 197 -8.57 -9.09 -11.26
CA GLY C 197 -8.40 -9.38 -12.67
C GLY C 197 -8.29 -10.86 -12.92
N ILE C 198 -8.56 -11.25 -14.17
CA ILE C 198 -8.47 -12.63 -14.60
C ILE C 198 -7.70 -12.68 -15.91
N ARG C 199 -6.86 -13.70 -16.08
CA ARG C 199 -6.18 -13.93 -17.34
C ARG C 199 -6.27 -15.40 -17.71
N LEU C 200 -6.63 -15.67 -18.97
CA LEU C 200 -6.64 -17.00 -19.55
C LEU C 200 -5.64 -17.00 -20.69
N ILE C 201 -4.58 -17.80 -20.57
CA ILE C 201 -3.39 -17.60 -21.37
C ILE C 201 -3.07 -18.85 -22.18
N ASN C 202 -2.70 -18.63 -23.44
CA ASN C 202 -2.14 -19.65 -24.31
C ASN C 202 -0.63 -19.62 -24.16
N LEU C 203 -0.04 -20.72 -23.66
CA LEU C 203 1.37 -20.75 -23.34
C LEU C 203 2.27 -20.95 -24.56
N LEU C 204 1.73 -21.45 -25.67
CA LEU C 204 2.49 -21.68 -26.90
C LEU C 204 3.75 -22.52 -26.61
N GLN C 205 3.55 -23.63 -25.91
CA GLN C 205 4.62 -24.56 -25.61
C GLN C 205 4.37 -25.92 -26.26
N GLY C 206 3.61 -25.93 -27.35
CA GLY C 206 3.32 -27.16 -28.07
C GLY C 206 2.36 -26.89 -29.21
N THR C 207 2.19 -27.93 -30.05
CA THR C 207 1.25 -27.91 -31.17
C THR C 207 0.38 -29.16 -31.10
N PHE C 208 -0.89 -29.05 -31.46
CA PHE C 208 -1.54 -27.90 -32.07
C PHE C 208 -1.69 -26.71 -31.12
N SER C 209 -1.23 -25.54 -31.56
CA SER C 209 -1.08 -24.36 -30.72
C SER C 209 -2.40 -23.62 -30.51
N GLY C 210 -3.48 -24.33 -30.30
CA GLY C 210 -4.75 -23.71 -29.97
C GLY C 210 -5.40 -24.37 -28.78
N LEU C 211 -6.16 -23.57 -28.03
CA LEU C 211 -6.89 -24.08 -26.89
C LEU C 211 -8.07 -23.18 -26.62
N ASP C 212 -9.01 -23.70 -25.83
CA ASP C 212 -10.27 -23.04 -25.58
C ASP C 212 -10.48 -22.85 -24.08
N PHE C 213 -11.30 -21.85 -23.76
CA PHE C 213 -11.72 -21.55 -22.40
C PHE C 213 -13.22 -21.30 -22.40
N ASP C 214 -13.86 -21.54 -21.26
CA ASP C 214 -15.26 -21.16 -21.08
C ASP C 214 -15.65 -21.31 -19.63
N ASN C 215 -16.72 -20.59 -19.26
CA ASN C 215 -17.39 -20.73 -17.97
C ASN C 215 -16.50 -20.24 -16.83
N VAL C 216 -16.18 -18.95 -16.84
CA VAL C 216 -15.37 -18.34 -15.78
C VAL C 216 -16.26 -18.07 -14.57
N ARG C 217 -15.78 -18.49 -13.39
CA ARG C 217 -16.50 -18.28 -12.14
C ARG C 217 -15.51 -17.76 -11.10
N LEU C 218 -15.91 -16.74 -10.35
CA LEU C 218 -15.13 -16.26 -9.22
C LEU C 218 -16.06 -16.18 -8.02
N THR C 219 -15.83 -17.04 -7.04
CA THR C 219 -16.58 -17.05 -5.79
C THR C 219 -15.72 -16.49 -4.67
N VAL C 220 -16.40 -16.03 -3.61
CA VAL C 220 -15.72 -15.38 -2.49
C VAL C 220 -16.40 -15.83 -1.21
N GLU C 221 -15.62 -15.96 -0.14
CA GLU C 221 -16.07 -16.54 1.11
C GLU C 221 -15.10 -16.11 2.20
N PRO C 222 -15.48 -16.23 3.47
CA PRO C 222 -14.60 -15.75 4.55
C PRO C 222 -13.45 -16.72 4.83
N ALA C 223 -12.39 -16.15 5.40
CA ALA C 223 -11.21 -16.91 5.78
C ALA C 223 -11.30 -17.37 7.23
N ASN D 32 20.24 -33.34 -6.26
CA ASN D 32 21.38 -32.93 -5.42
C ASN D 32 20.93 -32.02 -4.28
N ASN D 33 21.38 -32.35 -3.06
CA ASN D 33 21.05 -31.55 -1.86
C ASN D 33 19.54 -31.31 -1.80
N ALA D 34 18.77 -32.34 -2.15
CA ALA D 34 17.33 -32.20 -2.30
C ALA D 34 16.63 -31.73 -1.02
N GLY D 35 17.28 -31.89 0.13
CA GLY D 35 16.66 -31.50 1.38
C GLY D 35 17.39 -30.39 2.10
N PHE D 36 18.39 -29.79 1.43
CA PHE D 36 19.19 -28.69 1.97
C PHE D 36 19.96 -29.08 3.21
N GLU D 37 20.24 -30.39 3.37
CA GLU D 37 20.93 -30.89 4.54
C GLU D 37 22.43 -30.58 4.52
N ASP D 38 22.98 -30.26 3.35
CA ASP D 38 24.34 -29.78 3.26
C ASP D 38 24.31 -28.27 3.13
N PRO D 39 24.97 -27.50 4.02
CA PRO D 39 25.83 -27.95 5.11
C PRO D 39 25.13 -28.31 6.42
N PHE D 40 25.84 -29.08 7.25
CA PHE D 40 25.36 -29.38 8.58
C PHE D 40 25.45 -28.13 9.46
N ILE D 41 24.46 -27.96 10.35
CA ILE D 41 24.39 -26.79 11.24
C ILE D 41 24.14 -27.28 12.66
N GLU D 42 25.05 -26.92 13.57
CA GLU D 42 24.95 -27.46 14.93
C GLU D 42 23.86 -26.76 15.77
N VAL D 43 23.72 -25.45 15.64
CA VAL D 43 22.89 -24.67 16.57
C VAL D 43 21.50 -24.49 15.97
N VAL D 44 20.48 -24.77 16.78
CA VAL D 44 19.10 -24.64 16.30
C VAL D 44 18.82 -23.19 15.94
N ASP D 45 18.22 -23.00 14.76
CA ASP D 45 17.81 -21.72 14.19
C ASP D 45 19.00 -20.88 13.69
N ASP D 46 20.22 -21.42 13.73
CA ASP D 46 21.31 -20.80 12.98
C ASP D 46 21.14 -21.09 11.48
N TYR D 47 21.89 -20.35 10.67
CA TYR D 47 21.67 -20.37 9.24
C TYR D 47 22.94 -19.96 8.50
N THR D 48 22.99 -20.30 7.22
CA THR D 48 23.98 -19.75 6.29
C THR D 48 23.31 -18.68 5.42
N VAL D 49 24.13 -17.92 4.71
CA VAL D 49 23.63 -16.87 3.83
C VAL D 49 24.27 -17.03 2.46
N ASP D 50 24.73 -18.22 2.14
CA ASP D 50 25.30 -18.53 0.84
C ASP D 50 24.48 -19.60 0.13
N THR D 51 24.48 -19.52 -1.20
CA THR D 51 23.78 -20.47 -2.06
C THR D 51 24.02 -21.88 -1.56
N PRO D 52 22.97 -22.64 -1.28
CA PRO D 52 23.15 -24.00 -0.78
C PRO D 52 23.91 -24.85 -1.79
N PRO D 53 24.81 -25.71 -1.33
CA PRO D 53 25.54 -26.57 -2.26
C PRO D 53 24.58 -27.41 -3.10
N GLY D 54 24.90 -27.56 -4.38
CA GLY D 54 24.07 -28.28 -5.32
C GLY D 54 23.02 -27.46 -6.01
N TRP D 55 22.74 -26.25 -5.52
CA TRP D 55 21.73 -25.39 -6.11
C TRP D 55 22.38 -24.13 -6.66
N THR D 56 21.59 -23.39 -7.43
CA THR D 56 22.00 -22.12 -8.00
C THR D 56 21.10 -21.04 -7.44
N THR D 57 21.61 -19.80 -7.37
CA THR D 57 20.77 -18.67 -6.98
C THR D 57 20.07 -18.14 -8.23
N TYR D 58 18.75 -18.34 -8.27
CA TYR D 58 17.93 -17.81 -9.34
C TYR D 58 17.70 -16.32 -9.07
N ASN D 59 18.23 -15.46 -9.94
CA ASN D 59 18.31 -14.02 -9.67
C ASN D 59 17.98 -13.22 -10.92
N PRO D 60 16.80 -13.46 -11.53
CA PRO D 60 16.50 -12.83 -12.82
C PRO D 60 16.25 -11.33 -12.74
N ASN D 61 16.12 -10.77 -11.54
CA ASN D 61 15.99 -9.33 -11.37
C ASN D 61 17.14 -8.75 -10.56
N ASN D 62 18.23 -9.51 -10.44
CA ASN D 62 19.45 -9.09 -9.72
C ASN D 62 19.12 -8.50 -8.36
N LEU D 63 18.17 -9.13 -7.66
CA LEU D 63 17.75 -8.64 -6.35
C LEU D 63 18.65 -9.11 -5.23
N VAL D 64 19.37 -10.20 -5.41
CA VAL D 64 20.23 -10.79 -4.39
C VAL D 64 21.67 -10.42 -4.72
N PRO D 65 22.38 -9.72 -3.83
CA PRO D 65 23.79 -9.40 -4.08
C PRO D 65 24.66 -10.64 -4.03
N GLU D 66 25.83 -10.54 -4.64
CA GLU D 66 26.80 -11.63 -4.57
C GLU D 66 27.43 -11.75 -3.19
N LYS D 67 27.38 -10.68 -2.39
CA LYS D 67 27.92 -10.65 -1.03
C LYS D 67 26.76 -10.44 -0.08
N ARG D 68 26.49 -11.42 0.77
CA ARG D 68 25.29 -11.43 1.60
C ARG D 68 25.63 -11.24 3.08
N THR D 69 24.73 -10.57 3.79
CA THR D 69 24.68 -10.59 5.25
C THR D 69 23.24 -10.88 5.68
N THR D 70 23.01 -10.87 6.99
CA THR D 70 21.72 -11.29 7.52
C THR D 70 20.56 -10.53 6.89
N TRP D 71 20.67 -9.20 6.74
CA TRP D 71 19.54 -8.39 6.34
C TRP D 71 19.63 -7.81 4.94
N THR D 72 20.67 -8.14 4.18
CA THR D 72 20.57 -8.01 2.74
C THR D 72 19.65 -9.12 2.20
N SER D 73 19.23 -8.96 0.95
CA SER D 73 18.62 -10.09 0.26
C SER D 73 19.65 -11.22 0.14
N ASN D 74 19.21 -12.46 0.35
CA ASN D 74 20.12 -13.59 0.43
C ASN D 74 19.36 -14.91 0.26
N ASN D 75 20.10 -16.02 0.25
CA ASN D 75 19.52 -17.33 0.48
C ASN D 75 20.55 -18.19 1.21
N GLY D 76 20.12 -19.38 1.62
CA GLY D 76 20.99 -20.27 2.38
C GLY D 76 20.18 -21.38 3.00
N VAL D 77 20.75 -22.01 4.04
CA VAL D 77 20.06 -23.09 4.74
C VAL D 77 19.98 -22.77 6.22
N GLY D 78 18.96 -23.33 6.86
CA GLY D 78 18.66 -23.06 8.26
C GLY D 78 18.25 -24.30 9.03
N TYR D 79 18.77 -24.44 10.24
CA TYR D 79 18.50 -25.63 11.06
C TYR D 79 17.21 -25.41 11.84
N VAL D 80 16.12 -26.00 11.37
CA VAL D 80 14.86 -26.04 12.09
C VAL D 80 14.87 -27.37 12.84
N GLY D 81 15.41 -27.34 14.06
CA GLY D 81 15.49 -28.52 14.89
C GLY D 81 14.69 -28.35 16.16
N PRO D 82 14.95 -29.21 17.15
CA PRO D 82 14.16 -29.15 18.39
C PRO D 82 14.29 -27.80 19.05
N GLY D 83 13.16 -27.31 19.58
CA GLY D 83 13.15 -26.01 20.21
C GLY D 83 13.19 -24.85 19.24
N THR D 84 12.92 -25.09 17.96
CA THR D 84 12.87 -23.99 17.01
C THR D 84 11.82 -22.97 17.41
N GLN D 85 12.12 -21.69 17.20
CA GLN D 85 11.18 -20.61 17.49
C GLN D 85 10.52 -20.06 16.23
N PHE D 86 10.54 -20.82 15.13
CA PHE D 86 10.03 -20.35 13.85
C PHE D 86 8.97 -21.27 13.24
N TYR D 87 8.77 -22.46 13.77
CA TYR D 87 7.84 -23.42 13.20
C TYR D 87 7.30 -24.31 14.30
N ASN D 88 6.00 -24.60 14.23
CA ASN D 88 5.41 -25.54 15.17
C ASN D 88 5.65 -26.97 14.72
N GLN D 89 6.81 -27.22 14.12
CA GLN D 89 7.16 -28.52 13.56
C GLN D 89 8.64 -28.50 13.18
N LEU D 90 9.25 -29.67 13.22
CA LEU D 90 10.61 -29.84 12.72
C LEU D 90 10.66 -29.60 11.21
N ALA D 91 11.88 -29.56 10.67
CA ALA D 91 12.03 -29.57 9.22
C ALA D 91 11.33 -30.82 8.66
N PRO D 92 10.59 -30.69 7.58
CA PRO D 92 9.94 -31.88 6.99
C PRO D 92 10.90 -33.02 6.75
N GLU D 93 12.07 -32.74 6.19
CA GLU D 93 13.12 -33.73 6.01
C GLU D 93 14.40 -33.25 6.68
N GLY D 94 15.09 -34.18 7.34
CA GLY D 94 16.37 -33.95 8.00
C GLY D 94 16.30 -32.85 9.04
N ARG D 95 17.39 -32.09 9.14
CA ARG D 95 17.49 -30.99 10.07
C ARG D 95 17.18 -29.63 9.46
N ASN D 96 17.53 -29.42 8.18
CA ASN D 96 17.57 -28.11 7.56
C ASN D 96 16.39 -27.85 6.65
N ILE D 97 16.19 -26.56 6.39
CA ILE D 97 15.36 -26.08 5.29
C ILE D 97 16.22 -25.14 4.45
N GLY D 98 15.74 -24.83 3.25
CA GLY D 98 16.34 -23.81 2.40
C GLY D 98 15.47 -22.57 2.45
N PHE D 99 16.12 -21.40 2.53
CA PHE D 99 15.37 -20.15 2.63
C PHE D 99 15.88 -19.14 1.63
N ILE D 100 15.01 -18.20 1.30
CA ILE D 100 15.32 -17.06 0.43
C ILE D 100 14.67 -15.85 1.06
N TYR D 101 15.46 -14.82 1.34
CA TYR D 101 14.96 -13.59 1.94
C TYR D 101 15.26 -12.46 0.99
N LEU D 102 14.28 -11.59 0.78
CA LEU D 102 14.43 -10.42 -0.07
C LEU D 102 14.10 -9.17 0.73
N ALA D 103 14.95 -8.16 0.60
CA ALA D 103 14.81 -6.95 1.41
C ALA D 103 14.05 -5.84 0.72
N GLN D 104 13.91 -5.92 -0.61
CA GLN D 104 13.23 -4.89 -1.38
C GLN D 104 11.72 -4.91 -1.10
N LYS D 105 11.05 -3.84 -1.50
CA LYS D 105 9.62 -3.73 -1.26
C LYS D 105 8.87 -4.72 -2.15
N PRO D 106 7.69 -5.19 -1.70
CA PRO D 106 6.90 -6.11 -2.53
C PRO D 106 6.72 -5.57 -3.94
N GLY D 107 6.67 -6.50 -4.91
CA GLY D 107 6.60 -6.14 -6.31
C GLY D 107 7.93 -5.80 -6.96
N SER D 108 9.04 -5.89 -6.23
CA SER D 108 10.32 -5.49 -6.80
C SER D 108 10.91 -6.53 -7.75
N GLY D 109 10.42 -7.77 -7.75
CA GLY D 109 11.01 -8.82 -8.55
C GLY D 109 10.95 -10.16 -7.82
N VAL D 110 11.75 -11.12 -8.29
CA VAL D 110 11.76 -12.48 -7.74
C VAL D 110 13.18 -13.03 -7.67
N ALA D 111 13.35 -14.01 -6.79
CA ALA D 111 14.62 -14.73 -6.69
C ALA D 111 14.37 -16.06 -5.98
N GLY D 112 15.32 -16.97 -6.15
CA GLY D 112 15.23 -18.23 -5.43
C GLY D 112 16.32 -19.24 -5.70
N PHE D 113 15.95 -20.51 -5.70
CA PHE D 113 16.83 -21.63 -6.00
C PHE D 113 16.51 -22.18 -7.39
N GLU D 114 17.54 -22.69 -8.05
CA GLU D 114 17.38 -23.40 -9.31
C GLU D 114 18.39 -24.54 -9.36
N GLN D 115 17.96 -25.69 -9.87
CA GLN D 115 18.87 -26.82 -10.10
C GLN D 115 18.44 -27.59 -11.34
N ILE D 116 19.38 -27.81 -12.25
CA ILE D 116 19.16 -28.65 -13.42
C ILE D 116 19.43 -30.10 -13.03
N LEU D 117 18.50 -30.99 -13.38
CA LEU D 117 18.58 -32.39 -12.97
C LEU D 117 19.40 -33.24 -13.95
N LEU D 129 6.65 -33.67 -9.24
CA LEU D 129 7.46 -32.80 -8.40
C LEU D 129 6.72 -32.36 -7.14
N LYS D 130 7.35 -32.60 -5.99
CA LYS D 130 6.80 -32.19 -4.71
C LYS D 130 7.86 -31.44 -3.93
N VAL D 131 7.40 -30.48 -3.13
CA VAL D 131 8.30 -29.70 -2.28
C VAL D 131 7.45 -29.06 -1.19
N ASP D 132 7.98 -29.04 0.03
CA ASP D 132 7.26 -28.43 1.13
C ASP D 132 7.67 -26.97 1.23
N VAL D 133 6.68 -26.10 1.43
CA VAL D 133 6.88 -24.65 1.41
C VAL D 133 6.54 -24.13 2.81
N GLY D 134 7.45 -23.33 3.38
CA GLY D 134 7.42 -22.97 4.78
C GLY D 134 7.13 -21.49 4.95
N ASN D 135 6.14 -21.20 5.79
CA ASN D 135 5.81 -19.83 6.19
C ASN D 135 6.34 -19.68 7.61
N SER D 136 7.53 -19.10 7.74
CA SER D 136 8.16 -19.01 9.05
C SER D 136 7.37 -18.08 9.97
N GLY D 137 7.18 -18.52 11.22
CA GLY D 137 6.44 -17.73 12.17
C GLY D 137 7.26 -17.25 13.34
N GLY D 138 6.74 -16.28 14.10
CA GLY D 138 7.42 -15.80 15.28
C GLY D 138 8.17 -14.50 15.08
N GLU D 139 9.33 -14.38 15.72
CA GLU D 139 10.10 -13.15 15.74
C GLU D 139 11.58 -13.48 15.61
N PHE D 140 12.30 -12.67 14.84
CA PHE D 140 13.74 -12.84 14.67
C PHE D 140 14.40 -11.48 14.78
N GLN D 141 15.29 -11.34 15.76
CA GLN D 141 15.98 -10.08 16.05
C GLN D 141 15.00 -8.92 16.16
N LYS D 142 13.89 -9.19 16.85
CA LYS D 142 12.84 -8.23 17.20
C LYS D 142 11.93 -7.91 16.02
N ILE D 143 12.11 -8.58 14.89
CA ILE D 143 11.29 -8.36 13.71
C ILE D 143 10.30 -9.50 13.58
N SER D 144 9.02 -9.17 13.41
CA SER D 144 8.00 -10.20 13.34
C SER D 144 8.14 -10.99 12.05
N LEU D 145 7.92 -12.30 12.14
CA LEU D 145 7.94 -13.17 10.98
C LEU D 145 6.55 -13.47 10.45
N ALA D 146 5.54 -12.77 10.97
CA ALA D 146 4.19 -12.91 10.44
C ALA D 146 4.12 -12.38 9.00
N GLY D 147 3.34 -13.04 8.17
CA GLY D 147 3.23 -12.66 6.78
C GLY D 147 4.00 -13.61 5.88
N PHE D 148 3.87 -13.34 4.57
CA PHE D 148 4.36 -14.30 3.59
C PHE D 148 4.55 -13.58 2.26
N PRO D 149 5.66 -13.80 1.55
CA PRO D 149 5.88 -13.12 0.27
C PRO D 149 5.24 -13.79 -0.94
N GLY D 150 4.68 -14.99 -0.79
CA GLY D 150 4.21 -15.75 -1.93
C GLY D 150 5.31 -16.55 -2.56
N TYR D 151 4.98 -17.72 -3.11
CA TYR D 151 5.95 -18.63 -3.67
C TYR D 151 5.55 -19.03 -5.08
N ARG D 152 6.52 -19.60 -5.81
CA ARG D 152 6.21 -20.33 -7.04
C ARG D 152 7.20 -21.48 -7.15
N VAL D 153 6.67 -22.66 -7.49
CA VAL D 153 7.46 -23.87 -7.72
C VAL D 153 7.35 -24.22 -9.19
N GLU D 154 8.48 -24.41 -9.85
CA GLU D 154 8.52 -24.64 -11.29
C GLU D 154 9.18 -25.97 -11.63
N LEU D 155 8.59 -26.69 -12.59
CA LEU D 155 9.21 -27.85 -13.22
C LEU D 155 9.63 -27.45 -14.63
N LEU D 156 10.87 -27.73 -14.98
CA LEU D 156 11.44 -27.23 -16.21
C LEU D 156 11.88 -28.38 -17.11
N ALA D 157 11.96 -28.06 -18.39
CA ALA D 157 12.71 -28.85 -19.37
C ALA D 157 13.53 -27.86 -20.17
N GLY D 158 14.85 -27.97 -20.11
CA GLY D 158 15.68 -26.95 -20.71
C GLY D 158 15.39 -25.61 -20.04
N ASP D 159 14.96 -24.63 -20.84
CA ASP D 159 14.62 -23.31 -20.33
C ASP D 159 13.11 -23.06 -20.33
N THR D 160 12.30 -24.11 -20.45
CA THR D 160 10.85 -24.00 -20.54
C THR D 160 10.20 -24.43 -19.24
N VAL D 161 9.29 -23.59 -18.73
CA VAL D 161 8.51 -23.92 -17.54
C VAL D 161 7.34 -24.79 -17.99
N LEU D 162 7.46 -26.11 -17.77
CA LEU D 162 6.42 -27.04 -18.21
C LEU D 162 5.14 -26.88 -17.42
N ALA D 163 5.26 -26.72 -16.10
CA ALA D 163 4.13 -26.58 -15.20
C ALA D 163 4.65 -25.92 -13.94
N ALA D 164 3.76 -25.19 -13.25
CA ALA D 164 4.24 -24.45 -12.09
C ALA D 164 3.07 -24.15 -11.16
N ASP D 165 3.36 -24.17 -9.85
CA ASP D 165 2.42 -23.75 -8.83
C ASP D 165 2.79 -22.33 -8.42
N HIS D 166 1.98 -21.37 -8.86
CA HIS D 166 2.18 -19.97 -8.54
C HIS D 166 1.26 -19.62 -7.37
N ASN D 167 1.76 -19.87 -6.15
CA ASN D 167 1.16 -19.36 -4.92
C ASN D 167 -0.27 -19.87 -4.73
N ASN D 168 -0.51 -21.14 -5.03
CA ASN D 168 -1.87 -21.68 -4.96
C ASN D 168 -2.26 -22.13 -3.57
N LEU D 169 -1.29 -22.44 -2.72
CA LEU D 169 -1.58 -22.91 -1.37
C LEU D 169 -1.64 -21.75 -0.40
N TYR D 170 -2.51 -21.89 0.60
CA TYR D 170 -2.55 -21.00 1.75
C TYR D 170 -1.78 -21.66 2.88
N ILE D 171 -0.69 -21.01 3.29
CA ILE D 171 0.22 -21.54 4.31
C ILE D 171 0.27 -20.53 5.44
N LYS D 172 -0.13 -20.97 6.63
CA LYS D 172 -0.13 -20.11 7.81
C LYS D 172 1.27 -20.08 8.43
N ASP D 173 1.53 -18.99 9.15
CA ASP D 173 2.77 -18.84 9.91
C ASP D 173 3.02 -20.05 10.79
N GLY D 174 4.20 -20.63 10.68
CA GLY D 174 4.61 -21.74 11.52
C GLY D 174 4.40 -23.11 10.94
N GLU D 175 3.89 -23.23 9.72
CA GLU D 175 3.62 -24.53 9.14
C GLU D 175 4.27 -24.66 7.77
N PHE D 176 4.50 -25.91 7.39
CA PHE D 176 4.87 -26.30 6.04
C PHE D 176 3.67 -26.94 5.35
N LYS D 177 3.44 -26.59 4.09
CA LYS D 177 2.49 -27.30 3.25
C LYS D 177 3.21 -27.85 2.03
N THR D 178 2.76 -28.99 1.51
CA THR D 178 3.40 -29.61 0.37
C THR D 178 2.81 -29.07 -0.92
N SER D 179 3.66 -28.55 -1.80
CA SER D 179 3.27 -28.12 -3.13
C SER D 179 3.49 -29.28 -4.10
N THR D 180 2.51 -29.52 -4.97
CA THR D 180 2.60 -30.59 -5.94
C THR D 180 2.38 -30.03 -7.34
N VAL D 181 3.34 -30.30 -8.22
CA VAL D 181 3.27 -29.86 -9.60
C VAL D 181 3.33 -31.10 -10.47
N THR D 182 2.27 -31.34 -11.24
CA THR D 182 2.16 -32.48 -12.12
C THR D 182 2.27 -32.02 -13.56
N PHE D 183 2.96 -32.80 -14.38
CA PHE D 183 3.01 -32.52 -15.81
C PHE D 183 3.17 -33.83 -16.56
N THR D 184 2.16 -34.19 -17.35
CA THR D 184 2.24 -35.40 -18.16
C THR D 184 2.77 -35.04 -19.54
N ALA D 185 3.83 -35.73 -19.94
CA ALA D 185 4.51 -35.48 -21.21
C ALA D 185 4.01 -36.45 -22.27
N THR D 186 3.68 -35.91 -23.48
CA THR D 186 3.24 -36.69 -24.63
C THR D 186 4.37 -36.83 -25.64
N PRO D 187 4.35 -37.89 -26.46
CA PRO D 187 5.49 -38.13 -27.38
C PRO D 187 5.70 -37.05 -28.43
N ASP D 188 4.79 -36.09 -28.59
CA ASP D 188 4.97 -35.00 -29.55
C ASP D 188 5.35 -33.68 -28.89
N ASN D 189 5.66 -33.71 -27.59
CA ASN D 189 6.06 -32.50 -26.89
C ASN D 189 7.37 -31.96 -27.49
N PRO D 190 7.47 -30.64 -27.72
CA PRO D 190 8.66 -30.11 -28.39
C PRO D 190 9.92 -30.09 -27.52
N TYR D 191 9.90 -30.62 -26.29
CA TYR D 191 11.05 -30.53 -25.40
C TYR D 191 11.44 -31.89 -24.80
N LEU D 192 11.21 -32.98 -25.53
CA LEU D 192 11.61 -34.29 -25.02
C LEU D 192 13.12 -34.42 -24.91
N ASP D 193 13.55 -35.35 -24.06
CA ASP D 193 14.95 -35.69 -23.83
C ASP D 193 15.79 -34.50 -23.39
N GLN D 194 15.15 -33.38 -23.06
CA GLN D 194 15.85 -32.20 -22.57
C GLN D 194 16.07 -32.28 -21.07
N LYS D 195 17.01 -31.48 -20.58
CA LYS D 195 17.40 -31.53 -19.18
C LYS D 195 16.29 -30.95 -18.31
N LEU D 196 15.81 -31.75 -17.36
CA LEU D 196 14.84 -31.26 -16.39
C LEU D 196 15.44 -30.14 -15.54
N GLY D 197 14.56 -29.37 -14.91
CA GLY D 197 14.99 -28.33 -13.99
C GLY D 197 13.94 -28.08 -12.93
N ILE D 198 14.39 -27.61 -11.77
CA ILE D 198 13.51 -27.27 -10.66
C ILE D 198 13.84 -25.85 -10.21
N ARG D 199 12.80 -25.05 -9.97
CA ARG D 199 12.94 -23.69 -9.44
C ARG D 199 12.04 -23.51 -8.22
N LEU D 200 12.59 -22.93 -7.16
CA LEU D 200 11.84 -22.60 -5.95
C LEU D 200 11.98 -21.09 -5.74
N ILE D 201 10.86 -20.35 -5.85
CA ILE D 201 10.94 -18.92 -6.11
C ILE D 201 10.20 -18.14 -5.02
N ASN D 202 10.86 -17.09 -4.52
CA ASN D 202 10.29 -16.08 -3.63
C ASN D 202 9.66 -15.00 -4.49
N LEU D 203 8.32 -14.87 -4.43
CA LEU D 203 7.60 -13.96 -5.32
C LEU D 203 7.74 -12.50 -4.94
N LEU D 204 8.14 -12.21 -3.70
CA LEU D 204 8.20 -10.84 -3.19
C LEU D 204 6.87 -10.11 -3.41
N GLN D 205 5.80 -10.71 -2.89
CA GLN D 205 4.47 -10.12 -2.96
C GLN D 205 3.85 -10.07 -1.57
N GLY D 206 4.65 -9.74 -0.57
CA GLY D 206 4.17 -9.62 0.79
C GLY D 206 5.35 -9.48 1.74
N THR D 207 5.02 -9.21 3.00
CA THR D 207 5.97 -9.21 4.10
C THR D 207 5.37 -9.98 5.26
N PHE D 208 6.21 -10.65 6.05
CA PHE D 208 7.67 -10.73 5.95
C PHE D 208 8.13 -11.42 4.64
N SER D 209 9.17 -10.87 4.02
CA SER D 209 9.60 -11.22 2.66
C SER D 209 10.61 -12.37 2.63
N GLY D 210 10.41 -13.37 3.44
CA GLY D 210 11.25 -14.56 3.40
C GLY D 210 10.39 -15.79 3.47
N LEU D 211 10.89 -16.87 2.88
CA LEU D 211 10.14 -18.11 2.89
C LEU D 211 11.11 -19.28 2.77
N ASP D 212 10.64 -20.45 3.20
CA ASP D 212 11.47 -21.63 3.29
C ASP D 212 10.91 -22.75 2.41
N PHE D 213 11.83 -23.59 1.92
CA PHE D 213 11.52 -24.79 1.16
C PHE D 213 12.25 -25.97 1.77
N ASP D 214 11.74 -27.17 1.49
CA ASP D 214 12.38 -28.38 1.99
C ASP D 214 11.87 -29.59 1.21
N ASN D 215 12.71 -30.63 1.17
CA ASN D 215 12.33 -31.96 0.72
C ASN D 215 11.78 -31.93 -0.72
N VAL D 216 12.68 -31.61 -1.64
CA VAL D 216 12.35 -31.53 -3.06
C VAL D 216 12.46 -32.93 -3.65
N ARG D 217 11.31 -33.49 -4.06
CA ARG D 217 11.29 -34.81 -4.68
C ARG D 217 10.85 -34.74 -6.15
CA CA E . 11.08 29.60 22.81
CA CA F . 12.73 22.11 30.75
CA CA G . 19.74 20.35 13.69
C1 EDO H . -0.43 11.29 10.21
O1 EDO H . 0.32 10.11 9.95
C2 EDO H . -1.56 11.49 9.24
O2 EDO H . -2.12 10.26 8.84
CA CA I . -21.72 21.57 9.33
CA CA J . -14.72 28.90 -6.19
CA CA K . -20.00 -20.74 -22.91
CA CA L . -5.61 -30.47 -29.35
CA CA M . 15.90 -30.89 4.83
CA CA N . 5.55 -15.90 8.04
S DMS O . 16.85 -13.61 6.62
O DMS O . 18.09 -14.17 7.25
C1 DMS O . 15.41 -14.46 7.30
C2 DMS O . 16.57 -12.00 7.39
C TRS P . 15.22 -18.59 9.04
C1 TRS P . 16.40 -19.55 9.11
C2 TRS P . 15.56 -17.18 9.54
C3 TRS P . 14.02 -19.15 9.80
N TRS P . 14.82 -18.48 7.62
O1 TRS P . 16.66 -19.99 10.44
O2 TRS P . 16.19 -17.20 10.80
O3 TRS P . 13.50 -20.26 9.10
#